data_9B7S
#
_entry.id   9B7S
#
_cell.length_a   1.00
_cell.length_b   1.00
_cell.length_c   1.00
_cell.angle_alpha   90.00
_cell.angle_beta   90.00
_cell.angle_gamma   90.00
#
_symmetry.space_group_name_H-M   'P 1'
#
loop_
_entity.id
_entity.type
_entity.pdbx_description
1 polymer 'Capsid protein VP1'
2 polymer 'Fab3-2 heavy chain'
3 polymer 'Fab3-2 light chain'
#
loop_
_entity_poly.entity_id
_entity_poly.type
_entity_poly.pdbx_seq_one_letter_code
_entity_poly.pdbx_strand_id
1 'polypeptide(L)'
;MAADGYLPDWLEDNLSEGIREWWALKPGAPQPKANQQHQDNARGLVLPGYKYLGPGNGLDKGEPVNAADAAALEHDKAYD
QQLKAGDNPYLKYNHADAEFQERLKEDTSFGGNLGRAVFQAKKRLLEPLGLVEEAAKTAPGKKRPVEQSPQEPDSSAGIG
KSGAQPAKKRLNFGQTGDTESVPDPQPIGEPPAAPSGVGSLTMASGGGAPVADNNEGADGVGSSSGNWHCDSQWLGDRVI
TTSTRTWALPTYNNHLYKQISNSTSGGSSNDNAYFGYSTPWGYFDFNRFHCHFSPRDWQRLINNNWGFRPKRLNFKLFNI
QVKEVTDNNGVKTIANNLTSTVQVFTDSDYQLPYVLGSAHEGCLPPFPADVFMIPQYGYLTLNDGSQAVGRSSFYCLEYF
PSQMLRTGNNFQFSYEFENVPFHSSYAHSQSLDRLMNPLIDQYLYYLSKTINGSGQNQQTLKFSVAGPSNMAVQGRNYIP
GPSYRQQRVSTTVTQNNNSEFAWPGASSWALNGRNSLMNPGPAMASHKEGEDRFFPLSGSLIFGKQGTGRDNVDADKVMI
TNEEEIKTTNPVATESYGQVATNHQSAQAQAQTGWVQNQGILPGMVWQDRDVYLQGPIWAKIPHTDGNFHPSPLMGGFGM
KHPPPQILIKNTPVPADPPTAFNKDKLNSFITQYSTGQVSVEIEWELQKENSKRWNPEIQYTSNYYKSNNVEFAVNTEGV
YSEPRPIGTRYLTRNL
;
A,B,C,D,E,F
2 'polypeptide(L)'
;EVQLLESGGGLVQPGGSLRLSCAASGFTFSNYAMSWVRQAPGKGLEWVSLISGSGGSIDYADSVKGRFTISRDNSKNTLY
LQMDSLRAEDTAVYYCSKDPIYYDLSGYYAGRIYYFDYWGQGTLVTVSSASTKGPSVF
;
H
3 'polypeptide(L)'
;EIVMTQSPATLSVSPGDTATLSCRASHSVSRDLAWYQQKPGQAPRLLIYDASTRATGIPARFSGSGSGTEFTLTISSLQS
EDFAVYYCQQYINWVTFGPGTKVDIE
;
L
#
# COMPACT_ATOMS: atom_id res chain seq x y z
N TYR A 252 0.03 -8.33 40.15
CA TYR A 252 -0.31 -8.92 38.86
C TYR A 252 0.69 -8.59 37.77
N ASN A 253 1.17 -9.64 37.10
CA ASN A 253 2.02 -9.51 35.91
C ASN A 253 3.28 -8.71 36.18
N ASN A 254 3.70 -8.63 37.45
CA ASN A 254 4.92 -7.93 37.82
C ASN A 254 4.93 -6.49 37.31
N HIS A 255 3.75 -5.85 37.35
CA HIS A 255 3.58 -4.47 36.90
C HIS A 255 3.79 -4.33 35.40
N LEU A 256 3.33 -5.31 34.63
CA LEU A 256 3.56 -5.32 33.20
C LEU A 256 2.26 -5.51 32.43
N TYR A 257 2.20 -4.91 31.25
CA TYR A 257 1.20 -5.26 30.25
C TYR A 257 1.77 -6.35 29.36
N LYS A 258 1.10 -7.48 29.31
CA LYS A 258 1.61 -8.62 28.57
C LYS A 258 0.58 -9.09 27.56
N GLN A 259 1.01 -9.17 26.31
CA GLN A 259 0.20 -9.76 25.26
C GLN A 259 -0.14 -11.20 25.59
N ILE A 260 -1.42 -11.51 25.58
CA ILE A 260 -1.90 -12.87 25.72
C ILE A 260 -2.58 -13.24 24.41
N SER A 261 -2.42 -14.49 24.00
CA SER A 261 -2.96 -14.96 22.74
C SER A 261 -3.46 -16.37 22.91
N ASN A 262 -4.19 -16.85 21.91
CA ASN A 262 -4.63 -18.23 21.88
C ASN A 262 -3.46 -19.19 22.05
N SER A 263 -2.38 -18.99 21.29
CA SER A 263 -1.29 -19.95 21.28
C SER A 263 -0.50 -19.92 22.59
N THR A 264 -0.46 -18.75 23.24
CA THR A 264 0.23 -18.66 24.54
C THR A 264 -0.30 -19.71 25.51
N SER A 265 -1.59 -20.01 25.43
CA SER A 265 -2.18 -20.99 26.34
C SER A 265 -2.20 -22.38 25.73
N GLY A 266 -1.62 -22.53 24.54
CA GLY A 266 -1.60 -23.81 23.85
C GLY A 266 -2.60 -23.91 22.71
N GLY A 267 -3.68 -23.13 22.78
CA GLY A 267 -4.54 -22.93 21.62
C GLY A 267 -5.12 -24.18 21.00
N SER A 268 -4.81 -24.36 19.71
CA SER A 268 -5.09 -25.52 18.86
C SER A 268 -6.52 -25.59 18.34
N SER A 269 -7.46 -24.84 18.89
CA SER A 269 -8.83 -24.87 18.40
C SER A 269 -9.20 -23.51 17.84
N ASN A 270 -9.91 -23.50 16.70
CA ASN A 270 -10.24 -22.24 16.07
C ASN A 270 -11.36 -21.51 16.80
N ASP A 271 -12.39 -22.25 17.21
CA ASP A 271 -13.53 -21.62 17.88
C ASP A 271 -13.08 -20.92 19.15
N ASN A 272 -12.05 -21.43 19.79
CA ASN A 272 -11.55 -20.87 21.04
C ASN A 272 -10.37 -19.93 20.84
N ALA A 273 -10.00 -19.64 19.59
CA ALA A 273 -8.91 -18.72 19.34
C ALA A 273 -9.25 -17.32 19.85
N TYR A 274 -8.26 -16.67 20.46
CA TYR A 274 -8.46 -15.34 21.01
C TYR A 274 -7.15 -14.56 20.94
N PHE A 275 -7.28 -13.25 21.08
CA PHE A 275 -6.14 -12.35 21.16
C PHE A 275 -6.53 -11.22 22.09
N GLY A 276 -5.58 -10.77 22.90
CA GLY A 276 -5.89 -9.74 23.86
C GLY A 276 -4.67 -9.33 24.65
N TYR A 277 -4.92 -8.71 25.80
CA TYR A 277 -3.87 -8.22 26.68
C TYR A 277 -4.27 -8.45 28.12
N SER A 278 -3.28 -8.74 28.96
CA SER A 278 -3.52 -8.88 30.39
C SER A 278 -2.85 -7.65 31.00
N THR A 279 -3.43 -7.09 32.04
CA THR A 279 -2.86 -5.88 32.63
C THR A 279 -2.64 -5.99 34.12
N PRO A 280 -1.74 -5.17 34.65
CA PRO A 280 -1.42 -5.18 36.08
C PRO A 280 -2.56 -4.64 36.93
N TRP A 281 -3.56 -4.05 36.29
CA TRP A 281 -4.69 -3.51 37.04
C TRP A 281 -5.63 -4.60 37.48
N GLY A 282 -6.35 -4.35 38.57
CA GLY A 282 -7.29 -5.29 39.10
C GLY A 282 -8.69 -4.71 39.18
N GLN A 351 -14.96 3.80 27.65
CA GLN A 351 -13.76 3.90 26.82
C GLN A 351 -12.89 2.67 26.89
N LEU A 352 -12.99 1.94 27.97
CA LEU A 352 -12.34 0.64 28.09
C LEU A 352 -13.29 -0.48 27.66
N PRO A 353 -12.74 -1.60 27.19
CA PRO A 353 -13.48 -2.82 26.85
C PRO A 353 -14.41 -3.34 27.93
N GLY A 357 -19.56 -7.43 32.96
CA GLY A 357 -20.82 -7.77 32.32
C GLY A 357 -20.83 -9.13 31.65
N SER A 358 -19.74 -9.88 31.81
CA SER A 358 -19.57 -11.20 31.21
C SER A 358 -19.93 -12.33 32.15
N ALA A 359 -20.44 -12.03 33.34
CA ALA A 359 -20.87 -13.03 34.32
C ALA A 359 -19.70 -13.86 34.84
N HIS A 360 -18.60 -13.19 35.19
CA HIS A 360 -17.46 -13.85 35.81
C HIS A 360 -17.64 -14.01 37.32
N GLN A 376 -8.24 -9.73 38.37
CA GLN A 376 -7.31 -9.08 37.46
C GLN A 376 -8.04 -8.61 36.22
N TYR A 377 -7.60 -7.48 35.67
CA TYR A 377 -8.23 -6.92 34.48
C TYR A 377 -7.46 -7.31 33.23
N GLY A 378 -8.18 -7.84 32.25
CA GLY A 378 -7.62 -8.09 30.94
C GLY A 378 -8.72 -7.92 29.93
N TYR A 379 -8.34 -7.86 28.65
CA TYR A 379 -9.36 -7.68 27.63
C TYR A 379 -8.92 -8.36 26.34
N LEU A 380 -9.91 -8.66 25.51
CA LEU A 380 -9.72 -9.25 24.19
C LEU A 380 -10.06 -8.23 23.12
N THR A 381 -9.33 -8.28 22.02
CA THR A 381 -9.60 -7.43 20.88
C THR A 381 -9.69 -8.27 19.61
N LEU A 382 -9.82 -7.63 18.45
CA LEU A 382 -9.96 -8.38 17.21
C LEU A 382 -8.80 -9.32 17.01
N ASN A 383 -9.06 -10.48 16.41
CA ASN A 383 -8.05 -11.49 16.19
C ASN A 383 -8.28 -12.19 14.87
N ASP A 384 -7.23 -12.81 14.36
CA ASP A 384 -7.32 -13.87 13.37
C ASP A 384 -6.50 -15.03 13.86
N GLY A 385 -7.16 -16.12 14.24
CA GLY A 385 -6.46 -17.18 14.94
C GLY A 385 -5.80 -16.60 16.18
N SER A 386 -4.54 -16.95 16.39
CA SER A 386 -3.77 -16.34 17.46
C SER A 386 -3.14 -15.02 17.05
N GLN A 387 -3.11 -14.72 15.75
CA GLN A 387 -2.60 -13.45 15.27
C GLN A 387 -3.62 -12.35 15.40
N ALA A 388 -3.14 -11.11 15.43
CA ALA A 388 -3.97 -9.94 15.55
C ALA A 388 -4.04 -9.21 14.22
N VAL A 389 -5.23 -8.77 13.85
CA VAL A 389 -5.44 -7.97 12.65
C VAL A 389 -5.10 -6.51 12.95
N GLY A 390 -4.79 -5.75 11.90
CA GLY A 390 -4.32 -4.39 12.11
C GLY A 390 -5.36 -3.48 12.74
N ARG A 391 -6.62 -3.90 12.75
CA ARG A 391 -7.65 -3.09 13.36
C ARG A 391 -7.70 -3.29 14.88
N SER A 392 -6.88 -4.19 15.42
CA SER A 392 -6.90 -4.46 16.84
C SER A 392 -6.48 -3.23 17.63
N SER A 393 -6.91 -3.16 18.88
CA SER A 393 -6.63 -2.04 19.76
C SER A 393 -5.82 -2.50 20.96
N PHE A 394 -4.90 -1.65 21.38
CA PHE A 394 -4.18 -1.82 22.63
C PHE A 394 -4.44 -0.61 23.52
N TYR A 395 -4.87 -0.87 24.74
CA TYR A 395 -5.25 0.18 25.68
C TYR A 395 -4.29 0.17 26.85
N CYS A 396 -3.64 1.29 27.09
CA CYS A 396 -2.82 1.48 28.28
C CYS A 396 -3.66 2.17 29.33
N LEU A 397 -3.95 1.47 30.43
CA LEU A 397 -4.74 2.06 31.49
C LEU A 397 -3.95 3.05 32.31
N GLU A 398 -2.64 3.11 32.14
CA GLU A 398 -1.86 4.16 32.77
C GLU A 398 -2.13 5.51 32.12
N TYR A 399 -2.82 5.52 30.99
CA TYR A 399 -3.02 6.71 30.19
C TYR A 399 -4.30 7.45 30.56
N PHE A 400 -4.96 7.01 31.63
CA PHE A 400 -6.10 7.73 32.21
C PHE A 400 -5.68 8.63 33.36
N PRO A 482 -40.92 -16.22 20.22
CA PRO A 482 -39.76 -16.48 19.37
C PRO A 482 -38.93 -17.62 19.95
N SER A 483 -38.46 -18.53 19.11
CA SER A 483 -37.67 -19.66 19.59
C SER A 483 -36.50 -20.05 18.72
N TYR A 484 -35.56 -20.74 19.34
CA TYR A 484 -34.37 -21.27 18.71
C TYR A 484 -34.27 -22.57 19.48
N ARG A 485 -34.91 -23.60 18.95
CA ARG A 485 -35.03 -24.89 19.62
C ARG A 485 -33.76 -25.43 20.26
N GLN A 486 -33.93 -25.93 21.48
CA GLN A 486 -32.84 -26.51 22.26
C GLN A 486 -33.06 -28.01 22.31
N GLN A 487 -31.96 -28.76 22.41
CA GLN A 487 -32.07 -30.21 22.45
C GLN A 487 -32.82 -30.70 23.68
N ASN A 496 -31.63 -40.89 27.56
CA ASN A 496 -30.43 -40.34 26.96
C ASN A 496 -29.72 -41.37 26.09
N ASN A 497 -29.41 -40.99 24.86
CA ASN A 497 -28.74 -41.86 23.91
C ASN A 497 -27.30 -42.12 24.35
N ASN A 498 -26.80 -43.32 24.09
CA ASN A 498 -25.43 -43.65 24.42
C ASN A 498 -24.47 -43.20 23.33
N SER A 499 -24.25 -41.90 23.27
CA SER A 499 -23.35 -41.29 22.30
C SER A 499 -22.90 -39.95 22.84
N GLU A 500 -21.81 -39.40 22.31
CA GLU A 500 -21.34 -38.11 22.79
C GLU A 500 -21.97 -37.02 21.94
N PHE A 501 -22.94 -36.31 22.52
CA PHE A 501 -23.63 -35.24 21.80
C PHE A 501 -23.57 -33.88 22.48
N ALA A 502 -22.68 -33.70 23.45
CA ALA A 502 -22.56 -32.43 24.16
C ALA A 502 -22.35 -31.29 23.17
N TRP A 503 -21.23 -31.34 22.45
CA TRP A 503 -20.98 -30.33 21.42
C TRP A 503 -21.68 -30.67 20.11
N PRO A 504 -21.56 -31.87 19.54
CA PRO A 504 -22.18 -32.12 18.23
C PRO A 504 -23.69 -31.92 18.21
N GLY A 505 -24.37 -32.02 19.34
CA GLY A 505 -25.80 -31.87 19.37
C GLY A 505 -26.30 -30.54 19.89
N ALA A 506 -25.48 -29.51 19.82
CA ALA A 506 -25.78 -28.24 20.45
C ALA A 506 -26.25 -27.19 19.45
N SER A 507 -27.20 -26.36 19.89
CA SER A 507 -27.61 -25.20 19.12
C SER A 507 -26.53 -24.13 19.21
N SER A 508 -26.14 -23.57 18.06
CA SER A 508 -25.05 -22.62 18.05
C SER A 508 -25.32 -21.56 16.99
N TRP A 509 -24.56 -20.47 17.08
CA TRP A 509 -24.52 -19.45 16.05
C TRP A 509 -23.09 -19.20 15.64
N ALA A 510 -22.88 -19.00 14.35
CA ALA A 510 -21.56 -18.81 13.77
C ALA A 510 -21.32 -17.34 13.48
N LEU A 511 -20.16 -16.84 13.90
CA LEU A 511 -19.78 -15.46 13.64
C LEU A 511 -18.35 -15.45 13.15
N ASN A 512 -18.14 -15.06 11.90
CA ASN A 512 -16.81 -14.99 11.30
C ASN A 512 -16.07 -16.30 11.42
N GLY A 513 -16.69 -17.38 10.97
CA GLY A 513 -16.06 -18.68 10.96
C GLY A 513 -15.74 -19.25 12.33
N ARG A 514 -16.47 -18.84 13.36
CA ARG A 514 -16.31 -19.40 14.69
C ARG A 514 -17.67 -19.73 15.27
N ASN A 515 -17.87 -21.02 15.54
CA ASN A 515 -19.12 -21.49 16.13
C ASN A 515 -19.15 -21.18 17.60
N SER A 516 -20.31 -20.75 18.09
CA SER A 516 -20.48 -20.36 19.48
C SER A 516 -21.77 -20.95 20.00
N LEU A 517 -21.67 -21.70 21.08
CA LEU A 517 -22.84 -22.30 21.70
C LEU A 517 -23.90 -21.24 21.99
N MET A 518 -25.17 -21.60 21.83
CA MET A 518 -26.25 -20.67 22.16
C MET A 518 -26.55 -20.88 23.63
N ASN A 519 -26.04 -19.97 24.45
CA ASN A 519 -26.18 -20.08 25.89
C ASN A 519 -26.35 -18.70 26.49
N PRO A 520 -27.37 -18.52 27.34
CA PRO A 520 -28.59 -19.33 27.49
C PRO A 520 -29.48 -19.29 26.26
N GLY A 521 -29.56 -18.14 25.62
CA GLY A 521 -30.40 -17.96 24.45
C GLY A 521 -31.78 -17.47 24.83
N PRO A 522 -32.67 -17.30 23.84
CA PRO A 522 -34.02 -16.81 24.07
C PRO A 522 -34.75 -17.58 25.18
N GLY A 594 -44.99 -28.96 7.87
CA GLY A 594 -43.62 -28.62 8.21
C GLY A 594 -43.46 -28.18 9.65
N TRP A 595 -42.24 -28.32 10.16
CA TRP A 595 -41.94 -27.95 11.54
C TRP A 595 -41.13 -26.68 11.60
N VAL A 596 -41.56 -25.74 12.43
CA VAL A 596 -40.85 -24.48 12.58
C VAL A 596 -39.90 -24.58 13.77
N GLN A 597 -38.67 -24.97 13.50
CA GLN A 597 -37.69 -25.11 14.57
C GLN A 597 -37.34 -23.78 15.19
N ASN A 598 -37.29 -22.71 14.40
CA ASN A 598 -36.90 -21.40 14.90
C ASN A 598 -37.76 -20.33 14.25
N GLN A 599 -38.28 -19.41 15.07
CA GLN A 599 -39.13 -18.33 14.59
C GLN A 599 -38.74 -17.06 15.32
N GLY A 600 -38.55 -15.99 14.55
CA GLY A 600 -38.18 -14.70 15.10
C GLY A 600 -39.44 -13.88 15.30
N ILE A 601 -39.27 -12.62 15.68
CA ILE A 601 -40.39 -11.75 15.91
C ILE A 601 -41.28 -11.65 14.67
N ALA A 620 -25.53 -5.82 32.77
CA ALA A 620 -25.11 -6.05 31.39
C ALA A 620 -25.11 -4.75 30.60
N LYS A 621 -24.08 -4.52 29.81
CA LYS A 621 -23.97 -3.31 29.01
C LYS A 621 -24.25 -3.61 27.55
N ILE A 622 -25.19 -2.86 26.98
CA ILE A 622 -25.54 -3.01 25.58
C ILE A 622 -24.41 -2.52 24.69
N PRO A 623 -24.09 -3.27 23.63
CA PRO A 623 -23.03 -2.88 22.70
C PRO A 623 -23.46 -1.68 21.89
N HIS A 624 -22.55 -0.75 21.63
CA HIS A 624 -22.89 0.45 20.88
C HIS A 624 -22.93 0.06 19.41
N THR A 625 -24.14 0.02 18.84
CA THR A 625 -24.35 -0.40 17.47
C THR A 625 -25.49 0.40 16.88
N ASP A 626 -25.90 0.00 15.69
CA ASP A 626 -27.00 0.68 15.01
C ASP A 626 -28.35 0.18 15.48
N GLY A 627 -28.46 -1.10 15.82
CA GLY A 627 -29.76 -1.66 16.14
C GLY A 627 -29.72 -2.77 17.16
N ASN A 628 -30.87 -2.98 17.79
CA ASN A 628 -31.04 -3.99 18.83
C ASN A 628 -32.51 -4.18 19.20
N ALA A 661 25.59 4.10 38.69
CA ALA A 661 25.77 4.13 37.24
C ALA A 661 24.41 4.17 36.56
N PHE A 662 24.22 5.14 35.67
CA PHE A 662 22.96 5.28 34.97
C PHE A 662 22.79 4.17 33.94
N ASN A 663 21.54 3.78 33.71
CA ASN A 663 21.18 2.82 32.66
C ASN A 663 19.84 3.21 32.10
N LYS A 664 19.64 2.97 30.80
CA LYS A 664 18.41 3.39 30.15
C LYS A 664 17.31 2.33 30.19
N ASP A 665 17.63 1.10 30.56
CA ASP A 665 16.62 0.06 30.65
C ASP A 665 15.63 0.37 31.76
N LYS A 666 14.40 -0.09 31.60
CA LYS A 666 13.43 0.12 32.65
C LYS A 666 13.72 -0.78 33.84
N LEU A 667 13.29 -0.34 35.02
CA LEU A 667 13.58 -1.06 36.25
C LEU A 667 12.64 -2.25 36.37
N ASN A 668 13.20 -3.45 36.45
CA ASN A 668 12.42 -4.66 36.63
C ASN A 668 12.38 -5.16 38.07
N SER A 669 13.06 -4.49 39.00
CA SER A 669 13.23 -4.96 40.36
C SER A 669 12.33 -4.18 41.30
N PHE A 670 11.41 -4.87 41.96
CA PHE A 670 10.45 -4.20 42.82
C PHE A 670 10.28 -4.93 44.16
N ILE B 440 -35.39 5.56 -16.29
CA ILE B 440 -34.06 5.90 -15.82
C ILE B 440 -33.36 4.67 -15.27
N ASP B 441 -32.11 4.45 -15.66
CA ASP B 441 -31.32 3.35 -15.14
C ASP B 441 -30.85 3.62 -13.71
N GLN B 442 -30.55 2.56 -12.99
CA GLN B 442 -29.78 2.68 -11.78
C GLN B 442 -28.30 2.81 -12.09
N TYR B 443 -27.57 3.37 -11.13
CA TYR B 443 -26.12 3.37 -11.21
C TYR B 443 -25.51 2.11 -10.60
N LEU B 444 -26.34 1.13 -10.28
CA LEU B 444 -25.90 -0.12 -9.68
C LEU B 444 -25.96 -1.25 -10.69
N TYR B 445 -25.09 -2.23 -10.48
CA TYR B 445 -24.94 -3.38 -11.37
C TYR B 445 -25.38 -4.66 -10.66
N TYR B 446 -25.75 -5.65 -11.46
CA TYR B 446 -26.08 -6.98 -10.96
C TYR B 446 -25.30 -7.98 -11.78
N LEU B 447 -25.30 -9.23 -11.35
CA LEU B 447 -24.51 -10.25 -12.04
C LEU B 447 -25.39 -10.87 -13.10
N SER B 448 -25.09 -10.55 -14.36
CA SER B 448 -25.97 -10.97 -15.45
C SER B 448 -25.68 -12.40 -15.90
N LYS B 449 -24.43 -12.73 -16.20
CA LYS B 449 -24.10 -14.02 -16.80
C LYS B 449 -22.90 -14.65 -16.11
N THR B 450 -23.04 -15.92 -15.74
CA THR B 450 -21.96 -16.67 -15.14
C THR B 450 -21.23 -17.63 -16.07
N ILE B 451 -21.63 -17.74 -17.33
CA ILE B 451 -20.96 -18.60 -18.31
C ILE B 451 -21.06 -17.95 -19.69
N ASN B 452 -20.09 -18.26 -20.55
CA ASN B 452 -20.11 -17.70 -21.90
C ASN B 452 -21.04 -18.47 -22.81
N GLY B 453 -21.28 -19.75 -22.50
CA GLY B 453 -22.15 -20.56 -23.34
C GLY B 453 -22.08 -22.01 -22.91
N SER B 454 -22.61 -22.87 -23.78
CA SER B 454 -22.58 -24.30 -23.51
C SER B 454 -21.20 -24.85 -23.84
N GLY B 455 -20.73 -25.76 -23.00
CA GLY B 455 -19.47 -26.41 -23.20
C GLY B 455 -18.84 -26.75 -21.87
N GLN B 456 -17.54 -26.95 -21.89
CA GLN B 456 -16.75 -27.19 -20.70
C GLN B 456 -15.95 -25.93 -20.37
N ASN B 457 -15.80 -25.68 -19.08
CA ASN B 457 -14.89 -24.64 -18.60
C ASN B 457 -15.24 -23.27 -19.18
N GLN B 458 -16.52 -22.94 -19.13
CA GLN B 458 -17.04 -21.69 -19.69
C GLN B 458 -17.22 -20.59 -18.66
N GLN B 459 -16.78 -20.80 -17.42
CA GLN B 459 -17.06 -19.84 -16.35
C GLN B 459 -16.63 -18.43 -16.72
N THR B 460 -17.47 -17.47 -16.38
CA THR B 460 -17.16 -16.06 -16.56
C THR B 460 -18.03 -15.27 -15.59
N LEU B 461 -17.72 -13.99 -15.45
CA LEU B 461 -18.56 -13.08 -14.68
C LEU B 461 -18.84 -11.85 -15.53
N LYS B 462 -20.12 -11.61 -15.82
CA LYS B 462 -20.54 -10.43 -16.56
C LYS B 462 -21.57 -9.67 -15.74
N PHE B 463 -21.54 -8.35 -15.85
CA PHE B 463 -22.37 -7.48 -15.04
C PHE B 463 -23.17 -6.56 -15.95
N SER B 464 -24.33 -6.12 -15.46
CA SER B 464 -25.20 -5.28 -16.25
C SER B 464 -25.85 -4.23 -15.36
N VAL B 465 -26.07 -3.05 -15.93
CA VAL B 465 -26.85 -2.02 -15.26
C VAL B 465 -28.28 -2.52 -15.09
N ALA B 466 -28.84 -2.32 -13.90
CA ALA B 466 -30.23 -2.65 -13.66
C ALA B 466 -31.10 -1.45 -13.99
N GLY B 467 -32.13 -1.67 -14.82
CA GLY B 467 -32.92 -0.57 -15.31
C GLY B 467 -34.33 -0.99 -15.69
N PRO B 468 -35.08 -0.07 -16.28
CA PRO B 468 -36.48 -0.40 -16.64
C PRO B 468 -36.59 -1.64 -17.48
N SER B 469 -35.53 -2.02 -18.19
CA SER B 469 -35.52 -3.29 -18.90
C SER B 469 -35.74 -4.46 -17.96
N ASN B 470 -34.95 -4.57 -16.90
CA ASN B 470 -35.08 -5.64 -15.92
C ASN B 470 -35.33 -5.00 -14.56
N MET B 471 -36.57 -5.07 -14.07
CA MET B 471 -36.92 -4.49 -12.79
C MET B 471 -36.84 -5.47 -11.63
N ALA B 472 -36.69 -6.76 -11.92
CA ALA B 472 -36.65 -7.72 -10.84
C ALA B 472 -35.36 -7.63 -10.04
N VAL B 473 -34.27 -7.19 -10.68
CA VAL B 473 -32.96 -7.26 -10.06
C VAL B 473 -32.52 -5.95 -9.42
N GLN B 474 -33.32 -4.89 -9.52
CA GLN B 474 -32.86 -3.60 -9.03
C GLN B 474 -32.71 -3.62 -7.52
N GLY B 475 -31.76 -2.82 -7.03
CA GLY B 475 -31.59 -2.69 -5.60
C GLY B 475 -32.73 -1.91 -4.99
N ARG B 476 -33.19 -2.36 -3.83
CA ARG B 476 -34.32 -1.75 -3.15
C ARG B 476 -33.99 -1.49 -1.70
N ASN B 477 -34.58 -0.43 -1.16
CA ASN B 477 -34.37 -0.05 0.22
C ASN B 477 -35.26 -0.80 1.21
N TYR B 478 -36.39 -1.35 0.76
CA TYR B 478 -37.38 -1.87 1.69
C TYR B 478 -38.01 -3.14 1.13
N ILE B 479 -38.29 -4.08 2.02
CA ILE B 479 -38.76 -5.42 1.64
C ILE B 479 -40.04 -5.70 2.43
N PRO B 480 -40.88 -6.62 1.94
CA PRO B 480 -42.12 -6.93 2.65
C PRO B 480 -41.91 -7.77 3.89
N GLY B 481 -42.92 -7.78 4.74
CA GLY B 481 -42.83 -8.39 6.06
C GLY B 481 -43.57 -9.69 6.28
N GLU B 575 -48.43 -18.79 -0.10
CA GLU B 575 -47.25 -18.74 -0.96
C GLU B 575 -45.98 -18.61 -0.13
N SER B 576 -44.90 -19.23 -0.59
CA SER B 576 -43.62 -19.10 0.09
C SER B 576 -43.12 -17.66 0.02
N TYR B 577 -42.44 -17.25 1.08
CA TYR B 577 -41.92 -15.89 1.15
C TYR B 577 -40.83 -15.66 0.11
N GLY B 578 -39.99 -16.66 -0.14
CA GLY B 578 -38.88 -16.46 -1.05
C GLY B 578 -37.99 -17.68 -1.09
N GLN B 579 -36.75 -17.44 -1.50
CA GLN B 579 -35.72 -18.47 -1.57
C GLN B 579 -34.41 -17.97 -1.00
N VAL B 580 -33.59 -18.90 -0.52
CA VAL B 580 -32.27 -18.60 0.03
C VAL B 580 -31.30 -19.67 -0.45
N ALA B 581 -30.03 -19.32 -0.53
CA ALA B 581 -29.00 -20.28 -0.87
C ALA B 581 -28.83 -21.30 0.25
N THR B 582 -28.77 -22.58 -0.10
CA THR B 582 -28.51 -23.61 0.89
C THR B 582 -27.06 -24.09 0.96
N ASN B 583 -26.21 -23.73 0.02
CA ASN B 583 -24.87 -24.32 0.02
C ASN B 583 -23.90 -23.39 -0.68
N HIS B 584 -22.61 -23.68 -0.51
CA HIS B 584 -21.56 -23.05 -1.30
C HIS B 584 -21.45 -23.76 -2.64
N GLN B 585 -21.51 -22.99 -3.71
CA GLN B 585 -21.24 -23.56 -5.02
C GLN B 585 -19.75 -23.78 -5.18
N SER B 586 -19.40 -24.65 -6.11
CA SER B 586 -18.02 -24.85 -6.53
C SER B 586 -18.08 -25.62 -7.84
N ALA B 587 -16.93 -25.94 -8.39
CA ALA B 587 -16.90 -26.70 -9.63
C ALA B 587 -17.66 -28.01 -9.48
N GLN B 588 -17.69 -28.57 -8.28
CA GLN B 588 -18.39 -29.84 -8.06
C GLN B 588 -19.88 -29.64 -7.82
N ALA B 589 -20.26 -28.62 -7.05
CA ALA B 589 -21.63 -28.50 -6.55
C ALA B 589 -22.36 -27.38 -7.28
N GLN B 590 -23.60 -27.65 -7.66
CA GLN B 590 -24.43 -26.60 -8.23
C GLN B 590 -25.03 -25.73 -7.13
N ALA B 591 -25.34 -24.49 -7.50
CA ALA B 591 -26.00 -23.60 -6.56
C ALA B 591 -27.39 -24.13 -6.24
N GLN B 592 -27.68 -24.29 -4.96
CA GLN B 592 -28.97 -24.79 -4.54
C GLN B 592 -29.69 -23.74 -3.71
N THR B 593 -31.03 -23.77 -3.78
CA THR B 593 -31.88 -22.85 -3.07
C THR B 593 -32.92 -23.63 -2.28
N GLY B 594 -33.61 -22.93 -1.40
CA GLY B 594 -34.64 -23.54 -0.60
C GLY B 594 -35.73 -22.54 -0.30
N TRP B 595 -36.91 -23.06 0.00
CA TRP B 595 -38.10 -22.22 0.11
C TRP B 595 -38.23 -21.72 1.55
N VAL B 596 -38.49 -20.43 1.68
CA VAL B 596 -38.67 -19.80 2.99
C VAL B 596 -40.16 -19.82 3.30
N GLN B 597 -40.55 -20.64 4.27
CA GLN B 597 -41.98 -20.78 4.53
C GLN B 597 -42.46 -19.81 5.60
N ASN B 598 -41.54 -19.21 6.34
CA ASN B 598 -41.87 -18.26 7.38
C ASN B 598 -40.69 -17.32 7.57
N GLN B 599 -40.97 -16.06 7.93
CA GLN B 599 -39.92 -15.07 8.05
C GLN B 599 -40.31 -14.04 9.11
N GLY B 600 -39.33 -13.54 9.86
CA GLY B 600 -39.56 -12.49 10.82
C GLY B 600 -38.71 -11.25 10.57
N ASN C 287 -28.99 13.23 -4.65
CA ASN C 287 -29.08 12.24 -3.59
C ASN C 287 -27.94 11.23 -3.64
N ARG C 288 -26.72 11.73 -3.77
CA ARG C 288 -25.51 10.95 -3.62
C ARG C 288 -24.45 11.79 -2.93
N PHE C 289 -23.52 11.14 -2.25
CA PHE C 289 -22.59 11.90 -1.43
C PHE C 289 -21.59 12.69 -2.26
N HIS C 290 -21.09 12.12 -3.36
CA HIS C 290 -20.08 12.86 -4.10
C HIS C 290 -20.62 14.12 -4.75
N CYS C 291 -21.93 14.34 -4.74
CA CYS C 291 -22.44 15.65 -5.11
C CYS C 291 -21.94 16.72 -4.15
N HIS C 292 -22.06 16.47 -2.84
CA HIS C 292 -21.76 17.47 -1.83
C HIS C 292 -20.34 17.44 -1.32
N PHE C 293 -19.59 16.36 -1.53
CA PHE C 293 -18.29 16.16 -0.91
C PHE C 293 -17.23 15.93 -1.96
N SER C 294 -16.13 16.66 -1.86
CA SER C 294 -14.96 16.33 -2.64
C SER C 294 -14.25 15.15 -2.00
N PRO C 295 -13.40 14.45 -2.75
CA PRO C 295 -12.64 13.35 -2.15
C PRO C 295 -11.82 13.76 -0.95
N ARG C 296 -11.25 14.96 -0.95
CA ARG C 296 -10.53 15.43 0.21
C ARG C 296 -11.48 15.77 1.35
N ASP C 297 -12.62 16.40 1.04
CA ASP C 297 -13.61 16.66 2.07
C ASP C 297 -14.16 15.37 2.62
N TRP C 298 -14.38 14.38 1.75
CA TRP C 298 -14.85 13.08 2.22
C TRP C 298 -13.82 12.45 3.14
N GLN C 299 -12.54 12.53 2.77
CA GLN C 299 -11.48 11.99 3.61
C GLN C 299 -11.44 12.69 4.96
N ARG C 300 -11.51 14.01 4.95
CA ARG C 300 -11.51 14.77 6.19
C ARG C 300 -12.63 14.30 7.12
N LEU C 301 -13.73 13.85 6.55
CA LEU C 301 -14.88 13.39 7.33
C LEU C 301 -14.62 12.02 7.94
N ILE C 302 -14.15 11.08 7.12
CA ILE C 302 -14.13 9.68 7.51
C ILE C 302 -12.95 9.35 8.42
N ASN C 303 -11.86 10.10 8.35
CA ASN C 303 -10.73 9.82 9.21
C ASN C 303 -10.91 10.37 10.62
N ASN C 304 -11.60 11.50 10.77
CA ASN C 304 -11.66 12.18 12.05
C ASN C 304 -12.95 11.99 12.83
N ASN C 305 -13.95 11.30 12.29
CA ASN C 305 -15.27 11.36 12.89
C ASN C 305 -15.90 9.99 13.03
N TRP C 306 -16.59 9.79 14.15
CA TRP C 306 -17.36 8.59 14.40
C TRP C 306 -18.77 8.65 13.83
N GLY C 307 -19.24 9.81 13.38
CA GLY C 307 -20.60 9.88 12.87
C GLY C 307 -20.91 11.27 12.35
N PHE C 308 -21.97 11.33 11.57
CA PHE C 308 -22.41 12.60 11.00
C PHE C 308 -23.87 12.56 10.59
N GLY C 357 -35.19 8.34 -4.77
CA GLY C 357 -34.79 7.43 -3.71
C GLY C 357 -34.57 6.00 -4.16
N SER C 358 -34.59 5.78 -5.47
CA SER C 358 -34.38 4.46 -6.05
C SER C 358 -32.95 4.24 -6.54
N ALA C 359 -32.05 5.18 -6.29
CA ALA C 359 -30.66 5.09 -6.77
C ALA C 359 -30.59 5.12 -8.29
N HIS C 360 -31.30 6.07 -8.89
CA HIS C 360 -31.29 6.25 -10.32
C HIS C 360 -30.22 7.22 -10.77
N GLU C 361 -30.00 7.26 -12.08
CA GLU C 361 -29.04 8.16 -12.73
C GLU C 361 -29.65 9.55 -12.91
N GLY C 362 -28.84 10.50 -13.39
CA GLY C 362 -29.32 11.85 -13.59
C GLY C 362 -29.06 12.74 -12.40
N CYS C 363 -28.32 12.21 -11.44
CA CYS C 363 -27.95 12.94 -10.25
C CYS C 363 -26.86 13.95 -10.58
N LEU C 364 -26.71 14.99 -9.76
CA LEU C 364 -25.71 16.02 -10.02
C LEU C 364 -24.33 15.39 -10.10
N PRO C 365 -23.56 15.81 -11.11
CA PRO C 365 -22.21 15.28 -11.35
C PRO C 365 -21.29 15.49 -10.16
N PRO C 366 -20.38 14.55 -9.93
CA PRO C 366 -19.45 14.64 -8.80
C PRO C 366 -18.35 15.65 -9.03
N PHE C 367 -18.16 16.08 -10.28
CA PHE C 367 -17.08 17.00 -10.54
C PHE C 367 -17.63 18.32 -11.03
N PRO C 368 -17.36 19.42 -10.32
CA PRO C 368 -18.17 20.63 -10.50
C PRO C 368 -18.12 21.23 -11.88
N ALA C 369 -17.13 20.90 -12.71
CA ALA C 369 -17.04 21.50 -14.02
C ALA C 369 -17.94 20.83 -15.06
N ASP C 370 -18.52 19.67 -14.74
CA ASP C 370 -19.36 18.97 -15.68
C ASP C 370 -20.73 19.62 -15.76
N VAL C 371 -21.31 19.59 -16.96
CA VAL C 371 -22.65 20.10 -17.20
C VAL C 371 -23.55 18.90 -17.50
N PHE C 372 -24.66 18.81 -16.79
CA PHE C 372 -25.49 17.61 -16.82
C PHE C 372 -26.86 17.96 -17.36
N MET C 373 -27.57 16.91 -17.79
CA MET C 373 -28.86 17.05 -18.44
C MET C 373 -30.01 17.15 -17.45
N HIS C 423 -25.31 8.20 11.51
CA HIS C 423 -24.72 7.07 10.82
C HIS C 423 -23.39 6.68 11.45
N SER C 424 -23.22 5.40 11.73
CA SER C 424 -21.99 4.93 12.33
C SER C 424 -20.91 4.86 11.28
N SER C 425 -19.79 5.51 11.55
CA SER C 425 -18.69 5.51 10.60
C SER C 425 -17.45 5.12 11.36
N TYR C 426 -17.47 3.89 11.83
CA TYR C 426 -16.38 3.31 12.58
C TYR C 426 -16.51 1.80 12.50
N ALA C 427 -15.43 1.10 12.79
CA ALA C 427 -15.45 -0.34 12.77
C ALA C 427 -15.19 -0.79 14.20
N HIS C 428 -15.97 -1.75 14.67
CA HIS C 428 -15.77 -2.22 16.04
C HIS C 428 -14.41 -2.87 16.17
N SER C 429 -13.76 -2.64 17.31
CA SER C 429 -12.45 -3.22 17.56
C SER C 429 -12.57 -4.55 18.30
N GLN C 430 -13.80 -4.95 18.59
CA GLN C 430 -14.06 -6.20 19.28
C GLN C 430 -15.15 -6.99 18.59
N SER C 431 -15.14 -8.31 18.73
CA SER C 431 -16.17 -9.14 18.13
C SER C 431 -17.27 -9.37 19.15
N LEU C 432 -18.42 -9.86 18.72
CA LEU C 432 -19.53 -10.06 19.63
C LEU C 432 -19.29 -11.23 20.56
N ASP C 433 -18.49 -12.20 20.14
CA ASP C 433 -18.22 -13.37 20.93
C ASP C 433 -17.05 -13.22 21.89
N ARG C 434 -16.20 -12.20 21.71
CA ARG C 434 -15.00 -12.04 22.52
C ARG C 434 -15.09 -11.03 23.65
N LEU C 435 -16.28 -10.52 23.95
CA LEU C 435 -16.41 -9.44 24.94
C LEU C 435 -15.98 -9.81 26.36
N MET C 436 -15.67 -11.08 26.62
CA MET C 436 -15.36 -11.59 27.94
C MET C 436 -13.99 -11.12 28.44
N ASN C 437 -13.80 -11.23 29.75
CA ASN C 437 -12.49 -11.08 30.36
C ASN C 437 -11.70 -12.36 30.15
N PRO C 438 -10.57 -12.33 29.44
CA PRO C 438 -9.83 -13.56 29.14
C PRO C 438 -9.14 -14.20 30.34
N LEU C 439 -9.01 -13.52 31.47
CA LEU C 439 -8.24 -14.07 32.57
C LEU C 439 -9.08 -14.79 33.61
N ILE C 440 -10.40 -14.68 33.58
CA ILE C 440 -11.23 -15.08 34.72
C ILE C 440 -12.27 -16.09 34.28
N ASP C 441 -12.43 -17.14 35.08
CA ASP C 441 -13.48 -18.13 34.89
C ASP C 441 -14.84 -17.50 35.16
N GLN C 442 -15.89 -18.15 34.68
CA GLN C 442 -17.23 -17.73 35.05
C GLN C 442 -17.73 -18.48 36.27
N LEU C 444 -20.60 -19.97 36.04
CA LEU C 444 -21.57 -20.74 35.26
C LEU C 444 -20.98 -22.03 34.70
N TYR C 445 -21.84 -23.05 34.62
CA TYR C 445 -21.46 -24.39 34.23
C TYR C 445 -22.14 -24.76 32.92
N TYR C 446 -21.52 -25.69 32.20
CA TYR C 446 -22.09 -26.24 30.97
C TYR C 446 -21.88 -27.74 30.99
N LEU C 447 -22.53 -28.44 30.06
CA LEU C 447 -22.50 -29.89 30.02
C LEU C 447 -21.31 -30.33 29.17
N SER C 448 -20.30 -30.90 29.83
CA SER C 448 -19.06 -31.31 29.18
C SER C 448 -19.11 -32.71 28.57
N LYS C 449 -19.69 -33.69 29.26
CA LYS C 449 -19.59 -35.09 28.85
C LYS C 449 -20.94 -35.78 29.02
N THR C 450 -21.40 -36.44 27.95
CA THR C 450 -22.58 -37.28 28.04
C THR C 450 -22.26 -38.77 28.16
N ILE C 451 -21.00 -39.17 28.05
CA ILE C 451 -20.60 -40.57 28.16
C ILE C 451 -19.27 -40.65 28.88
N ASN C 452 -19.18 -41.58 29.84
CA ASN C 452 -17.91 -41.78 30.53
C ASN C 452 -16.85 -42.31 29.58
N GLY C 453 -17.23 -43.21 28.67
CA GLY C 453 -16.28 -43.82 27.78
C GLY C 453 -16.99 -44.51 26.64
N SER C 454 -16.22 -45.35 25.94
CA SER C 454 -16.79 -46.15 24.87
C SER C 454 -17.31 -47.47 25.43
N GLY C 455 -18.44 -47.91 24.90
CA GLY C 455 -19.01 -49.16 25.33
C GLY C 455 -20.53 -49.08 25.25
N GLN C 456 -21.16 -50.02 25.94
CA GLN C 456 -22.62 -50.03 26.04
C GLN C 456 -23.03 -49.49 27.40
N ASN C 457 -24.12 -48.74 27.42
CA ASN C 457 -24.69 -48.18 28.65
C ASN C 457 -23.68 -47.31 29.39
N GLN C 458 -23.02 -46.41 28.66
CA GLN C 458 -22.03 -45.49 29.21
C GLN C 458 -22.61 -44.13 29.58
N GLN C 459 -23.93 -43.97 29.52
CA GLN C 459 -24.54 -42.67 29.79
C GLN C 459 -24.08 -42.08 31.11
N THR C 460 -23.78 -40.79 31.10
CA THR C 460 -23.42 -40.05 32.30
C THR C 460 -23.69 -38.58 32.04
N LEU C 461 -23.69 -37.80 33.11
CA LEU C 461 -23.79 -36.34 33.02
C LEU C 461 -22.62 -35.73 33.77
N LYS C 462 -21.72 -35.08 33.04
CA LYS C 462 -20.57 -34.40 33.61
C LYS C 462 -20.60 -32.94 33.21
N PHE C 463 -20.21 -32.07 34.15
CA PHE C 463 -20.30 -30.64 33.95
C PHE C 463 -18.93 -30.00 34.17
N SER C 464 -18.73 -28.85 33.54
CA SER C 464 -17.48 -28.11 33.66
C SER C 464 -17.80 -26.64 33.82
N VAL C 465 -16.78 -25.88 34.17
CA VAL C 465 -16.90 -24.44 34.27
C VAL C 465 -16.53 -23.83 32.92
N ALA C 466 -17.27 -22.81 32.52
CA ALA C 466 -16.91 -22.06 31.33
C ALA C 466 -15.85 -21.03 31.69
N GLY C 467 -14.81 -20.95 30.87
CA GLY C 467 -13.68 -20.09 31.18
C GLY C 467 -12.81 -19.84 29.97
N PRO C 468 -11.60 -19.33 30.22
CA PRO C 468 -10.72 -18.96 29.10
C PRO C 468 -10.26 -20.14 28.28
N SER C 469 -10.17 -21.33 28.86
CA SER C 469 -9.67 -22.47 28.11
C SER C 469 -10.62 -22.87 27.00
N ASN C 470 -11.92 -22.84 27.28
CA ASN C 470 -12.95 -23.03 26.25
C ASN C 470 -13.81 -21.79 26.26
N MET C 471 -13.68 -20.94 25.25
CA MET C 471 -14.51 -19.75 25.15
C MET C 471 -15.77 -19.97 24.33
N ALA C 472 -15.85 -21.07 23.58
CA ALA C 472 -16.97 -21.24 22.68
C ALA C 472 -18.28 -21.42 23.43
N VAL C 473 -18.22 -21.94 24.66
CA VAL C 473 -19.42 -22.37 25.35
C VAL C 473 -19.95 -21.34 26.32
N GLN C 474 -19.27 -20.22 26.53
CA GLN C 474 -19.63 -19.36 27.64
C GLN C 474 -20.99 -18.71 27.43
N GLY C 475 -21.57 -18.25 28.54
CA GLY C 475 -22.82 -17.52 28.45
C GLY C 475 -22.58 -16.10 27.96
N ARG C 476 -23.51 -15.60 27.15
CA ARG C 476 -23.38 -14.28 26.58
C ARG C 476 -24.74 -13.59 26.61
N ASN C 477 -24.71 -12.28 26.82
CA ASN C 477 -25.94 -11.51 26.89
C ASN C 477 -26.49 -11.12 25.53
N TYR C 478 -25.67 -11.09 24.48
CA TYR C 478 -26.15 -10.58 23.21
C TYR C 478 -25.60 -11.44 22.07
N ILE C 479 -26.32 -11.44 20.96
CA ILE C 479 -26.10 -12.39 19.86
C ILE C 479 -26.13 -11.63 18.54
N PRO C 480 -25.51 -12.18 17.50
CA PRO C 480 -25.42 -11.45 16.24
C PRO C 480 -26.77 -11.34 15.54
N GLY C 481 -26.83 -10.38 14.61
CA GLY C 481 -28.08 -9.97 13.99
C GLY C 481 -28.66 -10.96 13.00
N PRO C 482 -29.71 -10.55 12.31
CA PRO C 482 -30.43 -11.45 11.41
C PRO C 482 -29.67 -11.72 10.13
N SER C 483 -30.05 -12.81 9.46
CA SER C 483 -29.38 -13.23 8.25
C SER C 483 -30.40 -13.81 7.27
N TYR C 484 -30.13 -13.57 5.98
CA TYR C 484 -30.86 -14.19 4.88
C TYR C 484 -29.79 -14.58 3.87
N ARG C 485 -29.54 -15.89 3.69
CA ARG C 485 -28.27 -16.29 3.10
C ARG C 485 -28.18 -15.94 1.62
N GLN C 486 -27.00 -15.47 1.21
CA GLN C 486 -26.64 -15.25 -0.17
C GLN C 486 -25.77 -16.39 -0.69
N GLN C 487 -25.92 -16.71 -1.96
CA GLN C 487 -25.00 -17.64 -2.60
C GLN C 487 -23.63 -17.01 -2.74
N ARG C 488 -22.58 -17.84 -2.71
CA ARG C 488 -21.21 -17.34 -2.71
C ARG C 488 -20.56 -17.54 -4.07
N VAL C 489 -20.01 -16.46 -4.62
CA VAL C 489 -19.36 -16.47 -5.92
C VAL C 489 -17.89 -16.18 -5.69
N SER C 490 -17.03 -16.66 -6.59
CA SER C 490 -15.59 -16.44 -6.49
C SER C 490 -15.12 -15.56 -7.64
N THR C 491 -14.21 -14.63 -7.33
CA THR C 491 -13.61 -13.83 -8.39
C THR C 491 -12.73 -14.67 -9.29
N THR C 492 -12.33 -15.85 -8.82
CA THR C 492 -11.64 -16.81 -9.67
C THR C 492 -12.67 -17.72 -10.30
N VAL C 493 -12.84 -17.59 -11.61
CA VAL C 493 -14.00 -18.18 -12.26
C VAL C 493 -13.95 -19.70 -12.21
N THR C 494 -12.75 -20.28 -12.19
CA THR C 494 -12.66 -21.74 -12.20
C THR C 494 -13.03 -22.32 -10.84
N GLN C 495 -13.25 -21.48 -9.86
CA GLN C 495 -13.68 -21.95 -8.56
C GLN C 495 -15.20 -22.12 -8.62
N ASN C 496 -15.85 -21.31 -9.45
CA ASN C 496 -17.30 -21.35 -9.64
C ASN C 496 -17.80 -22.56 -10.41
N ASN C 497 -19.02 -22.95 -10.13
CA ASN C 497 -19.64 -24.08 -10.83
C ASN C 497 -19.86 -23.72 -12.27
N ASN C 498 -19.69 -24.67 -13.18
CA ASN C 498 -19.87 -24.39 -14.59
C ASN C 498 -21.32 -24.51 -15.04
N SER C 499 -22.13 -23.54 -14.66
CA SER C 499 -23.54 -23.51 -15.02
C SER C 499 -24.04 -22.08 -14.86
N GLU C 500 -25.15 -21.73 -15.50
CA GLU C 500 -25.65 -20.38 -15.37
C GLU C 500 -26.54 -20.32 -14.14
N PHE C 501 -25.97 -19.84 -13.03
CA PHE C 501 -26.69 -19.75 -11.77
C PHE C 501 -26.94 -18.32 -11.31
N ALA C 502 -26.77 -17.34 -12.19
CA ALA C 502 -26.94 -15.96 -11.77
C ALA C 502 -28.35 -15.61 -11.27
N TRP C 503 -29.39 -16.05 -11.98
CA TRP C 503 -30.74 -15.77 -11.51
C TRP C 503 -31.33 -16.99 -10.81
N PRO C 504 -30.91 -18.18 -11.22
CA PRO C 504 -31.37 -19.44 -10.64
C PRO C 504 -30.98 -19.63 -9.17
N GLY C 505 -29.73 -19.31 -8.82
CA GLY C 505 -29.25 -19.49 -7.46
C GLY C 505 -29.35 -18.31 -6.52
N ALA C 506 -29.81 -17.17 -7.02
CA ALA C 506 -29.93 -15.97 -6.21
C ALA C 506 -31.06 -16.03 -5.19
N SER C 507 -30.93 -15.28 -4.11
CA SER C 507 -31.97 -15.20 -3.10
C SER C 507 -33.05 -14.27 -3.64
N SER C 508 -34.28 -14.43 -3.21
CA SER C 508 -35.35 -13.60 -3.74
C SER C 508 -36.52 -13.59 -2.79
N TRP C 509 -37.42 -12.63 -3.00
CA TRP C 509 -38.65 -12.55 -2.25
C TRP C 509 -39.81 -12.32 -3.22
N ALA C 510 -40.97 -12.82 -2.84
CA ALA C 510 -42.16 -12.76 -3.69
C ALA C 510 -43.10 -11.69 -3.17
N LEU C 511 -43.82 -11.04 -4.09
CA LEU C 511 -44.76 -10.03 -3.69
C LEU C 511 -46.11 -10.22 -4.37
N GLY C 513 -47.47 -12.00 -6.87
CA GLY C 513 -46.88 -13.17 -7.49
C GLY C 513 -45.71 -12.88 -8.41
N ARG C 514 -44.82 -11.99 -7.98
CA ARG C 514 -43.64 -11.64 -8.74
C ARG C 514 -42.40 -11.90 -7.90
N ASN C 515 -41.35 -12.38 -8.55
CA ASN C 515 -40.07 -12.62 -7.91
C ASN C 515 -39.20 -11.37 -8.03
N SER C 516 -38.72 -10.90 -6.89
CA SER C 516 -37.80 -9.77 -6.82
C SER C 516 -36.49 -10.23 -6.22
N LEU C 517 -35.39 -9.98 -6.92
CA LEU C 517 -34.09 -10.32 -6.39
C LEU C 517 -33.86 -9.61 -5.07
N MET C 518 -33.20 -10.28 -4.13
CA MET C 518 -32.89 -9.64 -2.86
C MET C 518 -31.58 -8.93 -3.06
N ASN C 519 -31.63 -7.61 -3.16
CA ASN C 519 -30.46 -6.81 -3.37
C ASN C 519 -30.65 -5.48 -2.65
N PRO C 520 -29.64 -5.03 -1.93
CA PRO C 520 -28.50 -5.81 -1.43
C PRO C 520 -28.94 -6.75 -0.32
N GLY C 521 -30.10 -6.51 0.26
CA GLY C 521 -30.64 -7.38 1.29
C GLY C 521 -30.28 -6.91 2.68
N PRO C 522 -30.53 -7.77 3.68
CA PRO C 522 -30.11 -7.43 5.04
C PRO C 522 -28.62 -7.20 5.10
N ALA C 523 -28.18 -6.38 6.04
CA ALA C 523 -26.78 -6.03 6.15
C ALA C 523 -26.01 -7.21 6.72
N MET C 524 -25.02 -7.70 5.97
CA MET C 524 -24.22 -8.83 6.41
C MET C 524 -22.82 -8.66 5.89
N ALA C 525 -21.85 -9.17 6.66
CA ALA C 525 -20.46 -9.13 6.25
C ALA C 525 -20.29 -9.86 4.94
N SER C 526 -19.39 -9.35 4.10
CA SER C 526 -19.24 -9.92 2.76
C SER C 526 -18.52 -11.25 2.80
N HIS C 527 -17.40 -11.32 3.52
CA HIS C 527 -16.61 -12.54 3.55
C HIS C 527 -15.97 -12.67 4.92
N LYS C 528 -15.57 -13.89 5.24
CA LYS C 528 -14.89 -14.14 6.51
C LYS C 528 -13.52 -13.50 6.51
N GLU C 529 -13.05 -13.14 7.71
CA GLU C 529 -11.74 -12.53 7.87
C GLU C 529 -10.67 -13.41 7.24
N GLY C 530 -9.76 -12.79 6.48
CA GLY C 530 -8.73 -13.53 5.82
C GLY C 530 -9.10 -14.12 4.46
N GLU C 531 -10.28 -13.74 3.95
CA GLU C 531 -10.74 -14.21 2.65
C GLU C 531 -10.88 -13.04 1.71
N ASP C 532 -10.26 -13.11 0.53
CA ASP C 532 -10.33 -12.01 -0.41
C ASP C 532 -10.91 -12.29 -1.80
N ARG C 533 -11.25 -13.54 -2.09
CA ARG C 533 -11.75 -13.85 -3.43
C ARG C 533 -13.24 -14.09 -3.51
N PHE C 534 -13.87 -14.40 -2.39
CA PHE C 534 -15.32 -14.60 -2.39
C PHE C 534 -16.19 -13.38 -2.09
N PHE C 535 -17.34 -13.32 -2.74
CA PHE C 535 -18.32 -12.24 -2.53
C PHE C 535 -19.74 -12.78 -2.67
N PRO C 536 -20.71 -12.17 -1.97
CA PRO C 536 -22.11 -12.63 -2.05
C PRO C 536 -22.70 -12.37 -3.42
N LEU C 537 -23.60 -13.22 -3.89
CA LEU C 537 -24.17 -13.05 -5.22
C LEU C 537 -24.91 -11.75 -5.44
N SER C 538 -25.68 -11.30 -4.46
CA SER C 538 -26.39 -10.03 -4.59
C SER C 538 -26.34 -9.28 -3.28
N GLY C 539 -25.46 -9.74 -2.41
CA GLY C 539 -25.26 -9.15 -1.10
C GLY C 539 -24.80 -7.72 -1.00
N SER C 540 -23.88 -7.31 -1.87
CA SER C 540 -23.36 -5.95 -1.81
C SER C 540 -23.63 -5.12 -3.05
N LEU C 541 -23.42 -3.81 -2.92
CA LEU C 541 -23.57 -2.85 -3.99
C LEU C 541 -22.43 -3.00 -4.98
N ILE C 542 -22.68 -2.69 -6.25
CA ILE C 542 -21.67 -2.76 -7.30
C ILE C 542 -21.75 -1.50 -8.12
N PHE C 543 -20.65 -0.74 -8.17
CA PHE C 543 -20.57 0.46 -8.99
C PHE C 543 -19.71 0.18 -10.20
N GLY C 544 -20.05 0.79 -11.33
CA GLY C 544 -19.23 0.68 -12.50
C GLY C 544 -18.14 1.73 -12.52
N LYS C 545 -17.00 1.38 -13.11
CA LYS C 545 -15.94 2.34 -13.30
C LYS C 545 -16.30 3.31 -14.40
N GLN C 546 -15.62 4.45 -14.43
CA GLN C 546 -15.85 5.44 -15.46
C GLN C 546 -15.57 4.85 -16.83
N GLY C 547 -16.56 4.95 -17.72
CA GLY C 547 -16.46 4.42 -19.05
C GLY C 547 -17.04 3.04 -19.24
N THR C 548 -17.59 2.43 -18.20
CA THR C 548 -18.07 1.06 -18.30
C THR C 548 -19.37 1.01 -19.10
N GLY C 549 -19.47 0.01 -19.96
CA GLY C 549 -20.64 -0.14 -20.80
C GLY C 549 -21.88 -0.51 -20.01
N ARG C 550 -23.00 -0.62 -20.72
CA ARG C 550 -24.27 -0.85 -20.06
C ARG C 550 -24.52 -2.33 -19.77
N ASP C 551 -24.11 -3.21 -20.69
CA ASP C 551 -24.53 -4.62 -20.64
C ASP C 551 -23.34 -5.57 -20.70
N ASN C 552 -23.40 -6.60 -19.86
CA ASN C 552 -22.43 -7.72 -19.84
C ASN C 552 -20.99 -7.22 -19.83
N VAL C 553 -20.67 -6.38 -18.86
CA VAL C 553 -19.31 -5.87 -18.75
C VAL C 553 -18.46 -6.86 -17.96
N ASP C 554 -17.14 -6.73 -18.09
CA ASP C 554 -16.21 -7.60 -17.39
C ASP C 554 -16.12 -7.30 -15.91
N ALA C 555 -15.57 -8.23 -15.14
CA ALA C 555 -15.43 -8.07 -13.69
C ALA C 555 -14.54 -6.89 -13.33
N ASP C 556 -13.49 -6.69 -14.11
CA ASP C 556 -12.56 -5.59 -13.89
C ASP C 556 -13.21 -4.23 -14.00
N LYS C 557 -14.15 -4.09 -14.92
CA LYS C 557 -14.83 -2.82 -15.13
C LYS C 557 -15.64 -2.30 -13.94
N VAL C 558 -16.36 -3.19 -13.27
CA VAL C 558 -17.16 -2.82 -12.10
C VAL C 558 -16.38 -2.80 -10.79
N MET C 559 -16.89 -2.07 -9.81
CA MET C 559 -16.27 -2.03 -8.50
C MET C 559 -17.26 -2.62 -7.52
N ILE C 560 -16.87 -3.65 -6.79
CA ILE C 560 -17.76 -4.27 -5.82
C ILE C 560 -17.34 -3.93 -4.40
N THR C 561 -18.27 -3.37 -3.65
CA THR C 561 -17.99 -2.99 -2.29
C THR C 561 -18.16 -4.20 -1.39
N ASN C 562 -17.43 -4.22 -0.30
CA ASN C 562 -17.55 -5.32 0.65
C ASN C 562 -17.65 -4.71 2.03
N GLU C 563 -18.26 -5.43 2.96
CA GLU C 563 -18.40 -4.88 4.29
C GLU C 563 -17.86 -5.85 5.31
N GLU C 564 -16.56 -6.05 5.25
CA GLU C 564 -15.87 -6.92 6.19
C GLU C 564 -15.94 -6.32 7.60
N GLU C 565 -15.81 -5.00 7.68
CA GLU C 565 -15.81 -4.28 8.95
C GLU C 565 -16.95 -4.67 9.87
N ILE C 566 -18.14 -4.84 9.31
CA ILE C 566 -19.28 -5.19 10.16
C ILE C 566 -19.37 -6.66 10.54
N LYS C 567 -18.37 -7.46 10.18
CA LYS C 567 -18.35 -8.89 10.51
C LYS C 567 -18.31 -9.22 12.00
N THR C 568 -17.79 -8.32 12.83
CA THR C 568 -17.72 -8.53 14.26
C THR C 568 -19.10 -8.71 14.90
N THR C 569 -20.11 -7.98 14.46
CA THR C 569 -21.44 -8.13 15.05
C THR C 569 -22.52 -8.67 14.12
N ASN C 570 -22.18 -8.88 12.85
CA ASN C 570 -23.13 -9.39 11.87
C ASN C 570 -22.67 -10.73 11.34
N PRO C 571 -23.60 -11.59 10.93
CA PRO C 571 -23.23 -12.85 10.31
C PRO C 571 -22.73 -12.66 8.89
N VAL C 572 -21.85 -13.57 8.47
CA VAL C 572 -21.32 -13.52 7.11
C VAL C 572 -22.43 -13.82 6.13
N ALA C 573 -22.51 -13.03 5.05
CA ALA C 573 -23.63 -13.13 4.13
C ALA C 573 -23.72 -14.50 3.48
N THR C 574 -22.60 -15.21 3.33
CA THR C 574 -22.58 -16.47 2.61
C THR C 574 -22.64 -17.69 3.53
N GLU C 575 -22.82 -17.51 4.83
CA GLU C 575 -22.78 -18.59 5.80
C GLU C 575 -24.13 -18.75 6.49
N SER C 576 -24.35 -19.93 7.05
CA SER C 576 -25.53 -20.15 7.87
C SER C 576 -25.45 -19.33 9.15
N TYR C 577 -26.61 -18.93 9.66
CA TYR C 577 -26.63 -18.19 10.92
C TYR C 577 -26.20 -19.08 12.07
N GLY C 578 -26.40 -20.38 11.94
CA GLY C 578 -26.06 -21.30 13.01
C GLY C 578 -26.79 -22.61 12.85
N GLN C 579 -26.87 -23.35 13.94
CA GLN C 579 -27.47 -24.68 13.95
C GLN C 579 -28.50 -24.75 15.07
N VAL C 580 -29.55 -25.54 14.85
CA VAL C 580 -30.58 -25.79 15.84
C VAL C 580 -30.75 -27.29 16.00
N ALA C 581 -31.46 -27.66 17.06
CA ALA C 581 -31.77 -29.06 17.31
C ALA C 581 -33.10 -29.42 16.66
N THR C 582 -33.11 -30.49 15.88
CA THR C 582 -34.26 -30.84 15.07
C THR C 582 -35.15 -31.93 15.65
N ASN C 583 -34.86 -32.45 16.85
CA ASN C 583 -35.67 -33.54 17.38
C ASN C 583 -35.54 -33.59 18.90
N HIS C 584 -36.20 -34.58 19.50
CA HIS C 584 -35.96 -35.00 20.86
C HIS C 584 -35.10 -36.26 20.83
N GLN C 585 -33.93 -36.20 21.47
CA GLN C 585 -33.11 -37.39 21.55
C GLN C 585 -33.74 -38.41 22.48
N SER C 586 -33.34 -39.65 22.31
CA SER C 586 -33.70 -40.74 23.21
C SER C 586 -32.62 -41.80 23.06
N ALA C 587 -32.73 -42.87 23.82
CA ALA C 587 -31.73 -43.93 23.75
C ALA C 587 -31.61 -44.49 22.35
N GLN C 588 -32.71 -44.51 21.60
CA GLN C 588 -32.74 -45.14 20.29
C GLN C 588 -32.46 -44.17 19.15
N ALA C 589 -32.45 -42.87 19.41
CA ALA C 589 -32.30 -41.88 18.34
C ALA C 589 -31.28 -40.83 18.76
N GLN C 590 -30.29 -40.61 17.91
CA GLN C 590 -29.25 -39.65 18.22
C GLN C 590 -29.77 -38.22 18.06
N ALA C 591 -29.16 -37.31 18.79
CA ALA C 591 -29.49 -35.90 18.66
C ALA C 591 -29.22 -35.43 17.23
N GLN C 592 -30.23 -34.83 16.62
CA GLN C 592 -30.15 -34.40 15.23
C GLN C 592 -30.20 -32.87 15.18
N THR C 593 -29.47 -32.30 14.23
CA THR C 593 -29.38 -30.85 14.07
C THR C 593 -29.69 -30.48 12.63
N GLY C 594 -29.91 -29.19 12.42
CA GLY C 594 -30.15 -28.68 11.09
C GLY C 594 -29.70 -27.24 10.99
N TRP C 595 -29.36 -26.85 9.77
CA TRP C 595 -28.79 -25.54 9.53
C TRP C 595 -29.87 -24.48 9.49
N VAL C 596 -29.50 -23.26 9.80
CA VAL C 596 -30.42 -22.13 9.75
C VAL C 596 -29.98 -21.23 8.61
N GLN C 597 -30.75 -21.23 7.53
CA GLN C 597 -30.40 -20.43 6.36
C GLN C 597 -30.89 -19.00 6.49
N ASN C 598 -31.97 -18.78 7.22
CA ASN C 598 -32.50 -17.44 7.46
C ASN C 598 -32.94 -17.34 8.91
N GLN C 599 -32.60 -16.22 9.54
CA GLN C 599 -32.95 -16.02 10.95
C GLN C 599 -33.47 -14.60 11.13
N GLY C 600 -34.72 -14.49 11.57
CA GLY C 600 -35.31 -13.20 11.83
C GLY C 600 -34.87 -12.60 13.16
N ILE C 601 -35.50 -11.48 13.50
CA ILE C 601 -35.12 -10.77 14.72
C ILE C 601 -35.52 -11.58 15.94
N LEU C 602 -34.55 -11.81 16.83
CA LEU C 602 -34.73 -12.39 18.14
C LEU C 602 -34.34 -11.38 19.20
N PRO C 603 -35.00 -11.40 20.36
CA PRO C 603 -34.60 -10.48 21.43
C PRO C 603 -33.18 -10.76 21.88
N GLY C 604 -32.38 -9.71 21.94
CA GLY C 604 -30.97 -9.82 22.26
C GLY C 604 -30.02 -9.65 21.10
N MET C 605 -30.52 -9.63 19.86
CA MET C 605 -29.67 -9.40 18.71
C MET C 605 -29.20 -7.95 18.67
N VAL C 606 -27.99 -7.77 18.17
CA VAL C 606 -27.46 -6.46 17.83
C VAL C 606 -26.76 -6.57 16.48
N TRP C 607 -26.76 -5.48 15.73
CA TRP C 607 -26.21 -5.52 14.38
C TRP C 607 -25.77 -4.13 13.96
N GLN C 608 -24.91 -4.10 12.96
CA GLN C 608 -24.51 -2.87 12.28
C GLN C 608 -25.28 -2.76 10.96
N ASP C 609 -25.66 -1.54 10.62
CA ASP C 609 -26.30 -1.31 9.34
C ASP C 609 -25.25 -1.19 8.25
N ARG C 610 -25.72 -1.07 7.01
CA ARG C 610 -24.83 -1.03 5.87
C ARG C 610 -24.14 0.33 5.78
N ASP C 611 -22.94 0.32 5.20
CA ASP C 611 -22.10 1.50 5.10
C ASP C 611 -22.54 2.39 3.94
N VAL C 612 -22.24 3.68 4.05
CA VAL C 612 -22.48 4.64 2.98
C VAL C 612 -21.16 4.91 2.28
N TYR C 613 -21.24 5.17 0.98
CA TYR C 613 -20.06 5.34 0.14
C TYR C 613 -20.09 6.71 -0.50
N LEU C 614 -18.92 7.16 -0.95
CA LEU C 614 -18.84 8.42 -1.64
C LEU C 614 -19.80 8.45 -2.82
N GLN C 615 -20.00 7.31 -3.47
CA GLN C 615 -20.85 7.20 -4.64
C GLN C 615 -22.29 6.87 -4.32
N GLY C 616 -22.59 6.47 -3.09
CA GLY C 616 -23.86 5.89 -2.77
C GLY C 616 -24.94 6.88 -2.43
N PRO C 617 -26.13 6.39 -2.14
CA PRO C 617 -27.26 7.27 -1.82
C PRO C 617 -27.14 7.85 -0.44
N ILE C 618 -27.91 8.92 -0.20
CA ILE C 618 -27.89 9.58 1.09
C ILE C 618 -29.10 9.18 1.91
N TRP C 619 -30.29 9.53 1.45
CA TRP C 619 -31.50 9.21 2.20
C TRP C 619 -32.40 8.22 1.45
N LEU C 687 -21.73 16.41 12.92
CA LEU C 687 -20.54 15.60 13.19
C LEU C 687 -20.52 15.04 14.59
N GLN C 688 -19.95 13.86 14.75
CA GLN C 688 -19.73 13.22 16.05
C GLN C 688 -18.24 12.94 16.20
N LYS C 689 -17.63 13.52 17.22
CA LYS C 689 -16.19 13.47 17.37
C LYS C 689 -15.70 12.11 17.85
N GLU C 690 -14.41 11.86 17.61
CA GLU C 690 -13.75 10.63 18.02
C GLU C 690 -13.12 10.83 19.39
N ASN C 691 -13.62 10.11 20.37
CA ASN C 691 -13.24 10.25 21.78
C ASN C 691 -12.24 9.22 22.25
N SER C 692 -11.74 8.36 21.36
CA SER C 692 -11.09 7.11 21.77
C SER C 692 -9.80 7.34 22.54
N LYS C 693 -9.52 6.41 23.46
CA LYS C 693 -8.28 6.35 24.22
C LYS C 693 -7.28 5.37 23.64
N ARG C 694 -7.58 4.78 22.48
CA ARG C 694 -6.72 3.78 21.89
C ARG C 694 -5.27 4.25 21.82
N TRP C 695 -4.35 3.38 22.20
CA TRP C 695 -2.94 3.76 22.25
C TRP C 695 -2.28 3.73 20.88
N ASN C 696 -2.47 2.66 20.13
CA ASN C 696 -1.76 2.52 18.87
C ASN C 696 -2.51 3.21 17.74
N PRO C 697 -1.83 3.56 16.65
CA PRO C 697 -2.46 4.37 15.62
C PRO C 697 -3.56 3.65 14.85
N GLU C 698 -4.54 4.44 14.40
CA GLU C 698 -5.68 3.99 13.64
C GLU C 698 -5.32 3.67 12.20
N ILE C 699 -6.23 2.94 11.55
CA ILE C 699 -6.25 2.86 10.09
C ILE C 699 -6.91 4.10 9.52
N GLN C 700 -6.23 4.77 8.61
CA GLN C 700 -6.76 5.95 7.96
C GLN C 700 -6.87 5.68 6.47
N TYR C 701 -7.76 6.40 5.79
CA TYR C 701 -7.87 6.25 4.34
C TYR C 701 -6.86 7.19 3.74
N THR C 702 -5.97 6.67 2.91
CA THR C 702 -4.96 7.49 2.29
C THR C 702 -4.77 7.14 0.84
N SER C 703 -3.98 7.95 0.14
CA SER C 703 -3.67 7.70 -1.25
C SER C 703 -2.22 7.26 -1.29
N ASN C 704 -1.97 6.18 -2.01
CA ASN C 704 -0.64 5.59 -2.09
C ASN C 704 0.35 6.53 -2.75
N TYR C 705 1.55 6.61 -2.19
CA TYR C 705 2.58 7.44 -2.80
C TYR C 705 3.45 6.49 -3.57
N TYR C 706 3.27 6.51 -4.89
CA TYR C 706 4.03 5.69 -5.79
C TYR C 706 3.73 6.27 -7.15
N LYS C 707 4.75 6.39 -7.99
CA LYS C 707 4.59 7.03 -9.27
C LYS C 707 3.53 6.31 -10.09
N SER C 708 2.57 7.07 -10.62
CA SER C 708 1.57 6.51 -11.51
C SER C 708 1.33 7.49 -12.65
N ASN C 709 0.67 6.99 -13.69
CA ASN C 709 0.44 7.82 -14.87
C ASN C 709 -0.54 8.95 -14.58
N ASN C 710 -1.51 8.69 -13.71
CA ASN C 710 -2.56 9.66 -13.43
C ASN C 710 -2.68 9.89 -11.94
N VAL C 711 -3.39 10.96 -11.58
CA VAL C 711 -3.74 11.19 -10.20
C VAL C 711 -5.15 10.70 -9.93
N GLU C 712 -5.31 9.93 -8.88
CA GLU C 712 -6.62 9.40 -8.54
C GLU C 712 -7.57 10.52 -8.13
N PHE C 713 -8.80 10.43 -8.61
CA PHE C 713 -9.82 11.46 -8.38
C PHE C 713 -9.42 12.77 -9.02
N ALA C 714 -8.79 12.69 -10.19
CA ALA C 714 -8.48 13.86 -10.99
C ALA C 714 -8.75 13.51 -12.45
N VAL C 715 -8.73 14.53 -13.29
CA VAL C 715 -9.00 14.32 -14.71
C VAL C 715 -7.77 13.74 -15.39
N ASN C 716 -8.01 13.03 -16.49
CA ASN C 716 -6.94 12.48 -17.33
C ASN C 716 -6.69 13.41 -18.49
N THR C 717 -5.84 12.96 -19.42
CA THR C 717 -5.39 13.81 -20.52
C THR C 717 -6.54 14.22 -21.42
N GLU C 718 -7.59 13.41 -21.49
CA GLU C 718 -8.68 13.72 -22.41
C GLU C 718 -9.79 14.51 -21.71
N GLY C 719 -9.59 14.89 -20.46
CA GLY C 719 -10.53 15.72 -19.74
C GLY C 719 -11.60 14.96 -18.98
N VAL C 720 -11.53 13.63 -18.93
CA VAL C 720 -12.56 12.85 -18.26
C VAL C 720 -12.20 12.65 -16.81
N TYR C 721 -13.08 13.09 -15.91
CA TYR C 721 -12.95 12.86 -14.48
C TYR C 721 -13.40 11.45 -14.16
N SER C 722 -12.77 10.84 -13.16
CA SER C 722 -13.08 9.47 -12.80
C SER C 722 -12.86 9.27 -11.31
N GLU C 723 -13.57 8.30 -10.76
CA GLU C 723 -13.40 7.88 -9.38
C GLU C 723 -12.86 6.46 -9.37
N PRO C 724 -11.57 6.30 -9.05
CA PRO C 724 -10.88 5.00 -9.09
C PRO C 724 -11.44 3.88 -8.23
N ARG C 725 -11.75 4.14 -6.98
CA ARG C 725 -12.27 3.09 -6.10
C ARG C 725 -13.37 3.58 -5.18
N PRO C 726 -14.19 2.66 -4.68
CA PRO C 726 -15.28 2.99 -3.75
C PRO C 726 -14.73 3.29 -2.37
N ILE C 727 -15.12 4.42 -1.81
CA ILE C 727 -14.67 4.84 -0.49
C ILE C 727 -15.88 4.87 0.42
N GLY C 728 -15.93 3.94 1.37
CA GLY C 728 -16.92 3.93 2.41
C GLY C 728 -16.28 4.52 3.65
N THR C 729 -17.10 4.85 4.64
CA THR C 729 -16.53 5.35 5.88
C THR C 729 -16.70 4.37 7.03
N ARG C 730 -15.71 3.48 7.16
CA ARG C 730 -15.44 2.80 8.42
C ARG C 730 -13.92 2.65 8.49
N TYR C 731 -13.30 3.47 9.33
CA TYR C 731 -11.86 3.48 9.55
C TYR C 731 -11.51 3.56 11.03
N LEU C 732 -12.00 4.55 11.76
CA LEU C 732 -11.78 4.59 13.18
C LEU C 732 -12.48 3.41 13.84
N THR C 733 -12.31 3.28 15.14
CA THR C 733 -12.83 2.12 15.83
C THR C 733 -13.46 2.53 17.15
N ARG C 734 -14.36 1.68 17.62
CA ARG C 734 -14.94 1.79 18.95
C ARG C 734 -14.88 0.44 19.61
N ASN C 735 -14.86 0.45 20.93
CA ASN C 735 -15.12 -0.76 21.68
C ASN C 735 -16.57 -1.16 21.50
N LEU C 736 -16.80 -2.47 21.46
CA LEU C 736 -18.15 -2.97 21.25
C LEU C 736 -18.97 -2.88 22.53
N TYR D 252 -11.25 28.23 -23.36
CA TYR D 252 -10.10 27.36 -23.54
C TYR D 252 -10.45 25.92 -23.19
N ASN D 253 -9.79 24.97 -23.85
CA ASN D 253 -9.93 23.54 -23.58
C ASN D 253 -11.37 23.05 -23.69
N ASN D 254 -12.22 23.77 -24.41
CA ASN D 254 -13.62 23.37 -24.56
C ASN D 254 -14.26 23.09 -23.21
N HIS D 255 -14.01 23.97 -22.24
CA HIS D 255 -14.58 23.92 -20.90
C HIS D 255 -14.11 22.70 -20.11
N LEU D 256 -12.95 22.15 -20.44
CA LEU D 256 -12.44 20.95 -19.80
C LEU D 256 -11.19 21.25 -18.99
N TYR D 257 -11.05 20.55 -17.88
CA TYR D 257 -9.75 20.39 -17.24
C TYR D 257 -9.03 19.24 -17.89
N LYS D 258 -7.83 19.51 -18.40
CA LYS D 258 -7.07 18.46 -19.07
C LYS D 258 -5.69 18.34 -18.46
N GLN D 259 -5.26 17.10 -18.27
CA GLN D 259 -3.90 16.79 -17.82
C GLN D 259 -2.90 17.04 -18.93
N ILE D 260 -1.88 17.83 -18.61
CA ILE D 260 -0.74 17.98 -19.49
C ILE D 260 0.49 17.42 -18.80
N SER D 261 1.46 16.97 -19.58
CA SER D 261 2.70 16.47 -19.00
C SER D 261 3.81 16.56 -20.02
N ASN D 262 4.97 16.05 -19.61
CA ASN D 262 6.12 15.97 -20.52
C ASN D 262 5.81 15.08 -21.71
N SER D 263 4.97 14.06 -21.51
CA SER D 263 4.70 13.12 -22.59
C SER D 263 3.75 13.69 -23.63
N THR D 264 2.75 14.45 -23.19
CA THR D 264 1.80 15.03 -24.15
C THR D 264 2.49 16.05 -25.05
N SER D 265 3.67 16.51 -24.64
CA SER D 265 4.50 17.37 -25.46
C SER D 265 5.57 16.60 -26.22
N GLY D 266 5.66 15.28 -26.01
CA GLY D 266 6.64 14.45 -26.68
C GLY D 266 7.74 13.89 -25.79
N GLY D 267 7.92 14.40 -24.58
CA GLY D 267 8.88 13.84 -23.66
C GLY D 267 10.33 13.99 -24.06
N SER D 268 10.81 15.23 -24.23
CA SER D 268 12.13 15.43 -24.80
C SER D 268 13.24 14.94 -23.88
N SER D 269 13.33 15.47 -22.67
CA SER D 269 14.52 15.27 -21.87
C SER D 269 14.18 15.40 -20.38
N ASN D 270 15.12 14.94 -19.56
CA ASN D 270 14.86 14.82 -18.13
C ASN D 270 14.74 16.16 -17.45
N ASP D 271 15.56 17.13 -17.84
CA ASP D 271 15.55 18.42 -17.16
C ASP D 271 14.25 19.17 -17.43
N ASN D 272 13.60 18.88 -18.55
CA ASN D 272 12.38 19.58 -18.92
C ASN D 272 11.10 18.80 -18.63
N ALA D 273 11.18 17.63 -18.00
CA ALA D 273 9.98 16.85 -17.73
C ALA D 273 9.09 17.53 -16.70
N TYR D 274 7.78 17.39 -16.89
CA TYR D 274 6.82 18.09 -16.03
C TYR D 274 5.49 17.35 -16.01
N PHE D 275 4.66 17.72 -15.05
CA PHE D 275 3.32 17.18 -14.89
C PHE D 275 2.42 18.29 -14.37
N GLY D 276 1.21 18.38 -14.88
CA GLY D 276 0.32 19.45 -14.46
C GLY D 276 -1.03 19.38 -15.12
N TYR D 277 -1.78 20.47 -15.01
CA TYR D 277 -3.14 20.53 -15.54
C TYR D 277 -3.37 21.87 -16.24
N SER D 278 -4.06 21.81 -17.36
CA SER D 278 -4.53 23.01 -18.05
C SER D 278 -6.01 23.19 -17.77
N THR D 279 -6.40 24.41 -17.50
CA THR D 279 -7.74 24.72 -17.02
C THR D 279 -8.50 25.53 -18.06
N PRO D 280 -9.83 25.47 -18.05
CA PRO D 280 -10.62 26.38 -18.88
C PRO D 280 -10.57 27.82 -18.40
N TRP D 281 -10.12 28.07 -17.18
CA TRP D 281 -10.08 29.42 -16.64
C TRP D 281 -8.95 30.24 -17.24
N GLY D 282 -9.09 31.55 -17.15
CA GLY D 282 -8.06 32.47 -17.62
C GLY D 282 -7.90 33.70 -16.76
N GLN D 351 -4.31 30.07 -2.08
CA GLN D 351 -4.71 28.67 -2.10
C GLN D 351 -4.45 28.00 -3.43
N LEU D 352 -4.51 28.74 -4.50
CA LEU D 352 -4.17 28.19 -5.79
C LEU D 352 -2.68 28.38 -6.08
N PRO D 353 -2.11 27.57 -6.97
CA PRO D 353 -0.71 27.71 -7.37
C PRO D 353 -0.41 29.07 -8.02
N GLY D 357 3.87 35.64 -11.16
CA GLY D 357 5.21 36.06 -10.77
C GLY D 357 6.31 35.30 -11.46
N SER D 358 5.96 34.61 -12.54
CA SER D 358 6.90 33.87 -13.38
C SER D 358 7.30 34.64 -14.63
N ALA D 359 6.89 35.90 -14.76
CA ALA D 359 7.29 36.78 -15.86
C ALA D 359 6.78 36.29 -17.22
N HIS D 360 5.49 36.02 -17.31
CA HIS D 360 4.86 35.66 -18.57
C HIS D 360 4.25 36.87 -19.28
N GLN D 376 -4.57 32.06 -20.66
CA GLN D 376 -5.08 30.80 -20.11
C GLN D 376 -4.32 30.41 -18.85
N TYR D 377 -5.06 29.99 -17.84
CA TYR D 377 -4.47 29.59 -16.58
C TYR D 377 -4.20 28.09 -16.55
N GLY D 378 -3.00 27.72 -16.14
CA GLY D 378 -2.62 26.35 -15.91
C GLY D 378 -1.59 26.31 -14.80
N TYR D 379 -1.25 25.11 -14.37
CA TYR D 379 -0.29 24.99 -13.27
C TYR D 379 0.41 23.65 -13.34
N LEU D 380 1.54 23.58 -12.64
CA LEU D 380 2.34 22.38 -12.53
C LEU D 380 2.38 21.92 -11.07
N THR D 381 2.65 20.63 -10.89
CA THR D 381 2.73 20.02 -9.58
C THR D 381 3.89 19.03 -9.59
N LEU D 382 3.98 18.22 -8.54
CA LEU D 382 5.09 17.29 -8.42
C LEU D 382 5.04 16.22 -9.51
N ASN D 383 6.22 15.84 -9.99
CA ASN D 383 6.35 14.86 -11.05
C ASN D 383 7.53 13.96 -10.79
N ASP D 384 7.47 12.75 -11.36
CA ASP D 384 8.63 11.89 -11.52
C ASP D 384 8.69 11.49 -12.99
N GLY D 385 9.68 12.01 -13.70
CA GLY D 385 9.59 11.94 -15.15
C GLY D 385 8.28 12.57 -15.59
N SER D 386 7.59 11.91 -16.50
CA SER D 386 6.27 12.33 -16.94
C SER D 386 5.16 11.92 -15.99
N GLN D 387 5.40 10.92 -15.15
CA GLN D 387 4.44 10.43 -14.18
C GLN D 387 4.29 11.38 -13.01
N ALA D 388 3.22 11.21 -12.26
CA ALA D 388 2.98 11.98 -11.05
C ALA D 388 2.98 11.06 -9.83
N VAL D 389 3.23 11.63 -8.67
CA VAL D 389 3.30 10.87 -7.42
C VAL D 389 2.06 11.16 -6.59
N GLY D 390 1.97 10.55 -5.40
CA GLY D 390 0.76 10.67 -4.62
C GLY D 390 0.55 12.06 -4.06
N ARG D 391 1.62 12.85 -3.97
CA ARG D 391 1.50 14.19 -3.40
C ARG D 391 1.01 15.19 -4.44
N SER D 392 1.02 14.81 -5.71
CA SER D 392 0.50 15.67 -6.76
C SER D 392 -0.93 16.07 -6.46
N SER D 393 -1.19 17.36 -6.47
CA SER D 393 -2.49 17.91 -6.12
C SER D 393 -3.24 18.34 -7.36
N PHE D 394 -4.55 18.16 -7.33
CA PHE D 394 -5.43 18.58 -8.39
C PHE D 394 -6.38 19.62 -7.83
N TYR D 395 -6.41 20.79 -8.46
CA TYR D 395 -7.26 21.88 -8.03
C TYR D 395 -8.33 22.11 -9.08
N CYS D 396 -9.59 22.11 -8.65
CA CYS D 396 -10.71 22.44 -9.51
C CYS D 396 -11.14 23.86 -9.22
N LEU D 397 -10.90 24.77 -10.16
CA LEU D 397 -11.27 26.16 -9.94
C LEU D 397 -12.77 26.36 -9.92
N GLU D 398 -13.55 25.34 -10.29
CA GLU D 398 -14.99 25.44 -10.14
C GLU D 398 -15.43 25.26 -8.71
N TYR D 399 -14.50 24.93 -7.81
CA TYR D 399 -14.81 24.59 -6.43
C TYR D 399 -14.70 25.79 -5.50
N PHE D 400 -14.47 26.97 -6.04
CA PHE D 400 -14.50 28.21 -5.25
C PHE D 400 -15.87 28.89 -5.34
N PRO D 482 27.93 38.82 -1.96
CA PRO D 482 28.05 37.43 -2.40
C PRO D 482 28.15 37.37 -3.92
N SER D 483 28.57 36.23 -4.45
CA SER D 483 28.70 36.08 -5.89
C SER D 483 28.68 34.63 -6.33
N TYR D 484 28.25 34.41 -7.56
CA TYR D 484 28.17 33.10 -8.17
C TYR D 484 28.61 33.38 -9.60
N ARG D 485 29.81 32.95 -9.95
CA ARG D 485 30.36 33.27 -11.27
C ARG D 485 29.58 32.75 -12.49
N GLN D 486 29.38 33.66 -13.45
CA GLN D 486 28.70 33.37 -14.69
C GLN D 486 29.77 33.38 -15.76
N GLN D 487 29.58 32.60 -16.81
CA GLN D 487 30.58 32.54 -17.87
C GLN D 487 30.82 33.88 -18.55
N ASN D 496 34.86 35.17 -29.02
CA ASN D 496 34.16 34.01 -28.49
C ASN D 496 34.71 32.71 -29.07
N ASN D 497 34.78 31.68 -28.25
CA ASN D 497 35.29 30.38 -28.66
C ASN D 497 34.39 29.72 -29.71
N ASN D 498 34.98 29.00 -30.64
CA ASN D 498 34.22 28.33 -31.69
C ASN D 498 33.71 26.97 -31.21
N SER D 499 32.73 27.00 -30.31
CA SER D 499 32.12 25.81 -29.75
C SER D 499 30.76 26.19 -29.20
N GLU D 500 29.90 25.20 -28.98
CA GLU D 500 28.58 25.50 -28.43
C GLU D 500 28.65 25.37 -26.93
N PHE D 501 28.68 26.51 -26.25
CA PHE D 501 28.76 26.55 -24.79
C PHE D 501 27.54 27.12 -24.10
N ALA D 502 26.45 27.33 -24.84
CA ALA D 502 25.22 27.91 -24.29
C ALA D 502 24.77 27.18 -23.03
N TRP D 503 24.40 25.92 -23.19
CA TRP D 503 24.02 25.08 -22.05
C TRP D 503 25.20 24.44 -21.35
N PRO D 504 26.20 23.88 -22.04
CA PRO D 504 27.31 23.25 -21.31
C PRO D 504 28.07 24.20 -20.41
N GLY D 505 28.42 25.38 -20.90
CA GLY D 505 29.29 26.26 -20.14
C GLY D 505 28.56 27.23 -19.23
N ALA D 506 27.34 26.90 -18.86
CA ALA D 506 26.49 27.80 -18.09
C ALA D 506 26.44 27.42 -16.62
N SER D 507 26.35 28.44 -15.77
CA SER D 507 26.18 28.24 -14.34
C SER D 507 24.77 27.71 -14.07
N SER D 508 24.68 26.70 -13.21
CA SER D 508 23.40 26.07 -12.97
C SER D 508 23.30 25.64 -11.51
N TRP D 509 22.09 25.30 -11.10
CA TRP D 509 21.86 24.66 -9.82
C TRP D 509 20.95 23.45 -9.99
N ALA D 510 21.20 22.43 -9.20
CA ALA D 510 20.53 21.14 -9.31
C ALA D 510 19.54 20.96 -8.18
N LEU D 511 18.34 20.50 -8.52
CA LEU D 511 17.31 20.22 -7.53
C LEU D 511 16.66 18.89 -7.87
N ASN D 512 16.80 17.91 -6.99
CA ASN D 512 16.22 16.58 -7.18
C ASN D 512 16.73 15.93 -8.46
N GLY D 513 17.98 16.18 -8.79
CA GLY D 513 18.59 15.59 -9.96
C GLY D 513 18.20 16.20 -11.29
N ARG D 514 17.65 17.41 -11.28
CA ARG D 514 17.38 18.15 -12.50
C ARG D 514 18.10 19.49 -12.45
N ASN D 515 18.83 19.79 -13.52
CA ASN D 515 19.60 21.01 -13.61
C ASN D 515 18.74 22.14 -14.14
N SER D 516 18.96 23.33 -13.61
CA SER D 516 18.27 24.53 -14.06
C SER D 516 19.30 25.63 -14.23
N LEU D 517 19.20 26.37 -15.32
CA LEU D 517 20.07 27.52 -15.53
C LEU D 517 19.94 28.46 -14.33
N MET D 518 21.05 29.08 -13.95
CA MET D 518 21.01 30.09 -12.91
C MET D 518 20.71 31.39 -13.64
N ASN D 519 19.46 31.81 -13.60
CA ASN D 519 19.03 32.95 -14.36
C ASN D 519 17.93 33.73 -13.69
N PRO D 520 18.11 35.04 -13.51
CA PRO D 520 19.36 35.84 -13.58
C PRO D 520 20.37 35.47 -12.50
N GLY D 521 19.89 35.15 -11.31
CA GLY D 521 20.77 34.81 -10.21
C GLY D 521 21.12 36.06 -9.43
N PRO D 522 22.05 35.95 -8.49
CA PRO D 522 22.47 37.10 -7.67
C PRO D 522 22.83 38.31 -8.51
N GLY D 594 44.16 30.23 -4.27
CA GLY D 594 43.03 29.67 -4.98
C GLY D 594 41.92 30.68 -5.21
N TRP D 595 41.29 30.60 -6.37
CA TRP D 595 40.21 31.50 -6.71
C TRP D 595 38.87 31.05 -6.12
N VAL D 596 38.18 31.98 -5.47
CA VAL D 596 36.87 31.69 -4.89
C VAL D 596 35.86 31.93 -5.99
N GLN D 597 35.29 30.85 -6.55
CA GLN D 597 34.37 31.02 -7.66
C GLN D 597 32.96 31.31 -7.19
N ASN D 598 32.68 31.10 -5.91
CA ASN D 598 31.37 31.42 -5.36
C ASN D 598 31.50 31.73 -3.87
N GLN D 599 30.67 32.65 -3.39
CA GLN D 599 30.72 33.09 -2.00
C GLN D 599 29.32 33.36 -1.50
N GLY D 600 28.99 32.81 -0.34
CA GLY D 600 27.70 33.02 0.29
C GLY D 600 27.81 34.13 1.30
N ILE D 601 26.68 34.55 1.85
CA ILE D 601 26.68 35.61 2.84
C ILE D 601 27.58 35.26 4.01
N PRO D 623 7.61 32.39 -1.66
CA PRO D 623 7.18 31.01 -1.42
C PRO D 623 6.95 30.78 0.05
N HIS D 624 6.06 29.87 0.42
CA HIS D 624 5.81 29.60 1.83
C HIS D 624 6.74 28.48 2.27
N THR D 625 7.74 28.82 3.06
CA THR D 625 8.79 27.90 3.48
C THR D 625 9.27 28.32 4.85
N ASP D 626 10.04 27.44 5.48
CA ASP D 626 10.52 27.69 6.84
C ASP D 626 11.46 28.89 6.88
N GLY D 627 12.30 29.05 5.87
CA GLY D 627 13.26 30.13 5.89
C GLY D 627 13.57 30.67 4.51
N ASN D 628 14.14 31.87 4.48
CA ASN D 628 14.51 32.55 3.26
C ASN D 628 15.47 33.73 3.50
N ALA D 661 -34.24 12.21 -25.15
CA ALA D 661 -34.21 11.18 -24.12
C ALA D 661 -33.01 11.38 -23.21
N PHE D 662 -33.16 10.99 -21.95
CA PHE D 662 -32.12 11.25 -20.96
C PHE D 662 -30.86 10.46 -21.25
N ASN D 663 -29.71 11.12 -21.07
CA ASN D 663 -28.42 10.48 -21.28
C ASN D 663 -27.48 10.90 -20.14
N LYS D 664 -26.94 9.93 -19.43
CA LYS D 664 -26.14 10.23 -18.24
C LYS D 664 -24.82 10.91 -18.55
N ASP D 665 -24.33 10.83 -19.78
CA ASP D 665 -23.05 11.41 -20.12
C ASP D 665 -23.11 12.93 -20.03
N LYS D 666 -21.97 13.54 -19.69
CA LYS D 666 -21.91 14.99 -19.61
C LYS D 666 -22.04 15.60 -20.99
N LEU D 667 -22.52 16.84 -21.04
CA LEU D 667 -22.81 17.49 -22.31
C LEU D 667 -21.53 18.01 -22.94
N ASN D 668 -21.25 17.54 -24.14
CA ASN D 668 -20.14 18.01 -24.96
C ASN D 668 -20.56 19.00 -26.04
N SER D 669 -21.84 19.32 -26.14
CA SER D 669 -22.35 20.22 -27.17
C SER D 669 -22.49 21.63 -26.59
N PHE D 670 -21.83 22.59 -27.21
CA PHE D 670 -21.91 23.97 -26.75
C PHE D 670 -21.90 24.97 -27.92
N ILE E 440 26.56 9.99 29.84
CA ILE E 440 25.28 9.65 29.22
C ILE E 440 25.43 9.50 27.71
N ASP E 441 24.89 8.41 27.17
CA ASP E 441 24.92 8.19 25.74
C ASP E 441 23.82 8.97 25.03
N GLN E 442 24.04 9.25 23.76
CA GLN E 442 22.97 9.68 22.88
C GLN E 442 22.16 8.48 22.41
N TYR E 443 20.92 8.74 22.03
CA TYR E 443 20.09 7.73 21.40
C TYR E 443 20.27 7.69 19.88
N LEU E 444 21.21 8.44 19.34
CA LEU E 444 21.46 8.43 17.92
C LEU E 444 22.67 7.56 17.59
N TYR E 445 22.54 6.81 16.51
CA TYR E 445 23.57 5.90 16.03
C TYR E 445 24.34 6.54 14.89
N TYR E 446 25.63 6.19 14.79
CA TYR E 446 26.48 6.63 13.69
C TYR E 446 27.05 5.39 13.03
N LEU E 447 27.63 5.58 11.85
CA LEU E 447 28.11 4.47 11.02
C LEU E 447 29.55 4.18 11.42
N SER E 448 29.77 3.04 12.07
CA SER E 448 31.09 2.74 12.61
C SER E 448 32.01 2.09 11.59
N LYS E 449 31.52 1.07 10.86
CA LYS E 449 32.37 0.21 10.05
C LYS E 449 31.77 -0.04 8.68
N THR E 450 32.55 0.20 7.64
CA THR E 450 32.14 -0.13 6.29
C THR E 450 32.74 -1.43 5.78
N ILE E 451 33.63 -2.08 6.54
CA ILE E 451 34.17 -3.38 6.16
C ILE E 451 34.33 -4.22 7.43
N ASN E 452 34.04 -5.52 7.30
CA ASN E 452 34.28 -6.44 8.42
C ASN E 452 35.75 -6.46 8.79
N GLY E 453 36.59 -6.80 7.83
CA GLY E 453 38.02 -6.82 8.09
C GLY E 453 38.77 -6.68 6.78
N SER E 454 40.09 -6.86 6.85
CA SER E 454 40.89 -6.89 5.64
C SER E 454 40.55 -8.13 4.83
N GLY E 455 40.59 -7.99 3.52
CA GLY E 455 40.30 -9.08 2.62
C GLY E 455 39.64 -8.54 1.37
N GLN E 456 39.17 -9.47 0.54
CA GLN E 456 38.36 -9.12 -0.62
C GLN E 456 36.90 -9.33 -0.28
N ASN E 457 36.05 -8.43 -0.78
CA ASN E 457 34.59 -8.56 -0.67
C ASN E 457 34.12 -8.55 0.78
N GLN E 458 34.66 -7.62 1.56
CA GLN E 458 34.36 -7.52 2.98
C GLN E 458 33.27 -6.52 3.31
N GLN E 459 32.57 -5.96 2.30
CA GLN E 459 31.63 -4.88 2.54
C GLN E 459 30.60 -5.23 3.61
N THR E 460 30.37 -4.28 4.50
CA THR E 460 29.37 -4.41 5.56
C THR E 460 29.00 -3.01 6.02
N LEU E 461 27.90 -2.92 6.76
CA LEU E 461 27.48 -1.68 7.40
C LEU E 461 27.17 -1.96 8.86
N LYS E 462 27.92 -1.34 9.76
CA LYS E 462 27.72 -1.47 11.20
C LYS E 462 27.44 -0.10 11.79
N PHE E 463 26.71 -0.08 12.89
CA PHE E 463 26.33 1.17 13.53
C PHE E 463 26.63 1.09 15.03
N SER E 464 26.76 2.24 15.66
CA SER E 464 27.15 2.27 17.06
C SER E 464 26.56 3.51 17.73
N VAL E 465 26.22 3.36 19.00
CA VAL E 465 25.70 4.47 19.77
C VAL E 465 26.76 5.57 19.84
N ALA E 466 26.34 6.80 19.60
CA ALA E 466 27.22 7.94 19.87
C ALA E 466 27.23 8.20 21.36
N GLY E 467 28.42 8.27 21.96
CA GLY E 467 28.51 8.37 23.39
C GLY E 467 29.75 9.10 23.86
N PRO E 468 29.91 9.22 25.18
CA PRO E 468 31.10 9.89 25.71
C PRO E 468 32.40 9.22 25.28
N SER E 469 32.34 7.96 24.86
CA SER E 469 33.53 7.30 24.34
C SER E 469 34.06 8.03 23.11
N ASN E 470 33.22 8.22 22.10
CA ASN E 470 33.58 8.96 20.89
C ASN E 470 32.71 10.20 20.83
N MET E 471 33.29 11.36 21.16
CA MET E 471 32.52 12.61 21.13
C MET E 471 32.46 13.23 19.76
N ALA E 472 33.52 13.09 18.95
CA ALA E 472 33.57 13.78 17.67
C ALA E 472 32.37 13.45 16.78
N VAL E 473 31.76 12.28 16.95
CA VAL E 473 30.73 11.79 16.06
C VAL E 473 29.32 12.06 16.57
N GLN E 474 29.17 12.79 17.67
CA GLN E 474 27.84 13.08 18.20
C GLN E 474 27.11 14.08 17.31
N GLY E 475 25.80 13.88 17.18
CA GLY E 475 24.98 14.85 16.46
C GLY E 475 24.84 16.14 17.25
N ARG E 476 25.20 17.25 16.61
CA ARG E 476 25.20 18.55 17.26
C ARG E 476 24.25 19.49 16.54
N ASN E 477 23.61 20.37 17.31
CA ASN E 477 22.62 21.29 16.77
C ASN E 477 23.22 22.52 16.11
N TYR E 478 24.40 22.96 16.53
CA TYR E 478 24.94 24.22 16.04
C TYR E 478 26.38 24.04 15.61
N ILE E 479 26.80 24.86 14.65
CA ILE E 479 28.11 24.73 14.00
C ILE E 479 28.81 26.09 14.00
N PRO E 480 30.13 26.12 13.89
CA PRO E 480 30.83 27.41 13.90
C PRO E 480 30.69 28.16 12.58
N GLY E 481 30.90 29.47 12.64
CA GLY E 481 30.67 30.33 11.50
C GLY E 481 31.86 30.59 10.61
N GLU E 575 43.39 28.01 8.97
CA GLU E 575 42.97 26.62 8.89
C GLU E 575 41.77 26.44 7.97
N SER E 576 41.54 25.21 7.54
CA SER E 576 40.39 24.92 6.70
C SER E 576 39.15 24.72 7.57
N TYR E 577 38.01 25.16 7.04
CA TYR E 577 36.76 25.04 7.80
C TYR E 577 36.35 23.59 7.96
N GLY E 578 36.84 22.71 7.09
CA GLY E 578 36.49 21.32 7.17
C GLY E 578 36.64 20.64 5.83
N GLN E 579 35.99 19.49 5.71
CA GLN E 579 36.05 18.68 4.50
C GLN E 579 34.64 18.34 4.04
N VAL E 580 34.50 18.14 2.73
CA VAL E 580 33.25 17.73 2.13
C VAL E 580 33.54 16.61 1.14
N ALA E 581 32.54 15.76 0.95
CA ALA E 581 32.64 14.71 -0.04
C ALA E 581 32.63 15.32 -1.44
N THR E 582 33.60 14.97 -2.26
CA THR E 582 33.65 15.44 -3.64
C THR E 582 33.18 14.42 -4.67
N ASN E 583 32.76 13.24 -4.26
CA ASN E 583 32.34 12.25 -5.25
C ASN E 583 31.38 11.26 -4.61
N HIS E 584 30.71 10.50 -5.46
CA HIS E 584 29.99 9.32 -5.02
C HIS E 584 30.95 8.15 -5.02
N GLN E 585 31.13 7.53 -3.86
CA GLN E 585 31.86 6.28 -3.83
C GLN E 585 31.06 5.21 -4.56
N SER E 586 31.76 4.15 -4.93
CA SER E 586 31.12 2.98 -5.51
C SER E 586 32.10 1.83 -5.40
N ALA E 587 31.71 0.67 -5.91
CA ALA E 587 32.63 -0.45 -5.92
C ALA E 587 33.90 -0.10 -6.67
N GLN E 588 33.80 0.75 -7.68
CA GLN E 588 34.96 1.15 -8.47
C GLN E 588 35.77 2.28 -7.82
N ALA E 589 35.11 3.28 -7.25
CA ALA E 589 35.77 4.50 -6.82
C ALA E 589 35.74 4.66 -5.32
N GLN E 590 36.86 5.07 -4.75
CA GLN E 590 36.97 5.33 -3.32
C GLN E 590 36.29 6.64 -2.95
N ALA E 591 35.98 6.77 -1.67
CA ALA E 591 35.45 8.02 -1.16
C ALA E 591 36.52 9.09 -1.24
N GLN E 592 36.19 10.22 -1.87
CA GLN E 592 37.10 11.34 -1.99
C GLN E 592 36.51 12.54 -1.27
N THR E 593 37.38 13.36 -0.70
CA THR E 593 36.97 14.60 -0.05
C THR E 593 37.94 15.71 -0.44
N GLY E 594 37.54 16.93 -0.12
CA GLY E 594 38.38 18.09 -0.38
C GLY E 594 38.14 19.10 0.72
N TRP E 595 39.07 20.03 0.82
CA TRP E 595 39.08 20.99 1.92
C TRP E 595 38.22 22.19 1.57
N VAL E 596 37.55 22.73 2.56
CA VAL E 596 36.73 23.93 2.40
C VAL E 596 37.53 25.11 2.93
N GLN E 597 37.98 25.97 2.03
CA GLN E 597 38.84 27.07 2.46
C GLN E 597 38.01 28.28 2.89
N ASN E 598 36.74 28.32 2.50
CA ASN E 598 35.85 29.41 2.84
C ASN E 598 34.41 28.90 2.90
N GLN E 599 33.63 29.44 3.83
CA GLN E 599 32.26 29.01 4.00
C GLN E 599 31.42 30.16 4.53
N GLY E 600 30.17 30.26 4.06
CA GLY E 600 29.24 31.26 4.53
C GLY E 600 28.04 30.66 5.25
N ASN F 287 12.34 15.92 26.91
CA ASN F 287 12.61 16.62 25.66
C ASN F 287 12.59 15.67 24.48
N ARG F 288 11.58 14.82 24.42
CA ARG F 288 11.28 13.99 23.25
C ARG F 288 9.77 13.92 23.07
N PHE F 289 9.33 13.87 21.81
CA PHE F 289 7.90 13.97 21.55
C PHE F 289 7.12 12.81 22.15
N HIS F 290 7.66 11.60 22.15
CA HIS F 290 6.86 10.49 22.69
C HIS F 290 6.69 10.58 24.19
N CYS F 291 7.43 11.44 24.88
CA CYS F 291 7.10 11.72 26.27
C CYS F 291 5.68 12.28 26.38
N HIS F 292 5.35 13.24 25.52
CA HIS F 292 4.11 14.00 25.63
C HIS F 292 2.98 13.49 24.75
N PHE F 293 3.25 12.61 23.80
CA PHE F 293 2.27 12.20 22.79
C PHE F 293 2.22 10.69 22.69
N SER F 294 1.01 10.14 22.66
CA SER F 294 0.83 8.75 22.31
C SER F 294 0.91 8.60 20.81
N PRO F 295 1.18 7.39 20.31
CA PRO F 295 1.20 7.20 18.85
C PRO F 295 -0.12 7.56 18.19
N ARG F 296 -1.24 7.31 18.87
CA ARG F 296 -2.52 7.76 18.35
C ARG F 296 -2.62 9.28 18.33
N ASP F 297 -2.29 9.92 19.45
CA ASP F 297 -2.33 11.38 19.49
C ASP F 297 -1.37 11.98 18.48
N TRP F 298 -0.21 11.36 18.30
CA TRP F 298 0.72 11.83 17.28
C TRP F 298 0.07 11.74 15.90
N GLN F 299 -0.70 10.68 15.66
CA GLN F 299 -1.37 10.54 14.37
C GLN F 299 -2.35 11.68 14.14
N ARG F 300 -3.16 12.00 15.14
CA ARG F 300 -4.11 13.10 15.02
C ARG F 300 -3.40 14.38 14.66
N LEU F 301 -2.20 14.57 15.20
CA LEU F 301 -1.46 15.81 14.98
C LEU F 301 -0.99 15.94 13.55
N ILE F 302 -0.37 14.89 13.02
CA ILE F 302 0.31 15.02 11.74
C ILE F 302 -0.68 14.93 10.58
N ASN F 303 -1.78 14.20 10.76
CA ASN F 303 -2.72 14.05 9.65
C ASN F 303 -3.59 15.29 9.48
N ASN F 304 -3.93 15.97 10.57
CA ASN F 304 -4.88 17.06 10.50
C ASN F 304 -4.30 18.47 10.53
N ASN F 305 -2.99 18.64 10.70
CA ASN F 305 -2.48 19.97 11.01
C ASN F 305 -1.27 20.33 10.16
N TRP F 306 -1.15 21.61 9.86
CA TRP F 306 0.01 22.13 9.14
C TRP F 306 1.11 22.63 10.06
N GLY F 307 0.87 22.71 11.36
CA GLY F 307 1.92 23.17 12.25
C GLY F 307 1.43 23.21 13.67
N PHE F 308 2.39 23.22 14.60
CA PHE F 308 2.06 23.20 16.01
C PHE F 308 3.09 23.95 16.84
N GLY F 357 19.69 19.16 26.28
CA GLY F 357 19.34 19.55 24.93
C GLY F 357 20.32 19.06 23.89
N SER F 358 21.14 18.09 24.27
CA SER F 358 22.12 17.48 23.39
C SER F 358 21.64 16.17 22.79
N ALA F 359 20.34 15.89 22.95
CA ALA F 359 19.66 14.67 22.51
C ALA F 359 20.18 13.41 23.19
N HIS F 360 20.43 13.54 24.49
CA HIS F 360 20.91 12.44 25.34
C HIS F 360 19.81 11.52 25.84
N GLU F 361 20.22 10.39 26.40
CA GLU F 361 19.34 9.38 27.00
C GLU F 361 18.88 9.82 28.40
N GLY F 362 17.95 9.07 28.98
CA GLY F 362 17.44 9.42 30.29
C GLY F 362 16.13 10.18 30.29
N CYS F 363 15.53 10.30 29.12
CA CYS F 363 14.23 10.95 28.98
C CYS F 363 13.13 10.06 29.54
N LEU F 364 12.00 10.65 29.89
CA LEU F 364 10.89 9.86 30.42
C LEU F 364 10.49 8.84 29.36
N PRO F 365 10.31 7.59 29.78
CA PRO F 365 9.97 6.47 28.88
C PRO F 365 8.80 6.75 27.98
N PRO F 366 8.88 6.31 26.71
CA PRO F 366 7.74 6.55 25.82
C PRO F 366 6.43 6.01 26.34
N PHE F 367 6.46 4.89 27.03
CA PHE F 367 5.25 4.17 27.43
C PHE F 367 5.00 4.37 28.92
N PRO F 368 3.80 4.83 29.30
CA PRO F 368 3.61 5.37 30.66
C PRO F 368 3.83 4.36 31.77
N ALA F 369 3.75 3.06 31.51
CA ALA F 369 3.85 2.09 32.58
C ALA F 369 5.29 1.75 32.96
N ASP F 370 6.27 2.34 32.27
CA ASP F 370 7.66 2.05 32.57
C ASP F 370 8.20 2.99 33.66
N VAL F 371 8.87 2.41 34.64
CA VAL F 371 9.53 3.17 35.70
C VAL F 371 10.97 3.36 35.30
N PHE F 372 11.44 4.61 35.31
CA PHE F 372 12.72 4.94 34.72
C PHE F 372 13.63 5.52 35.79
N MET F 373 14.92 5.52 35.49
CA MET F 373 15.94 5.80 36.48
C MET F 373 16.20 7.29 36.66
N HIS F 423 6.60 25.10 13.63
CA HIS F 423 7.14 24.02 12.82
C HIS F 423 6.14 23.65 11.73
N SER F 424 6.65 23.43 10.52
CA SER F 424 5.77 23.09 9.41
C SER F 424 5.65 21.59 9.19
N SER F 425 4.53 21.02 9.62
CA SER F 425 4.32 19.59 9.42
C SER F 425 3.61 19.36 8.10
N TYR F 426 4.27 19.65 6.99
CA TYR F 426 3.66 19.45 5.67
C TYR F 426 4.71 19.32 4.58
N ALA F 427 4.31 18.78 3.44
CA ALA F 427 5.19 18.59 2.31
C ALA F 427 4.66 19.41 1.14
N HIS F 428 5.55 20.11 0.44
CA HIS F 428 5.14 20.92 -0.71
C HIS F 428 4.59 20.08 -1.85
N SER F 429 3.56 20.60 -2.51
CA SER F 429 2.94 19.91 -3.64
C SER F 429 3.53 20.36 -4.97
N GLN F 430 4.45 21.32 -4.90
CA GLN F 430 5.17 21.85 -6.04
C GLN F 430 6.65 21.82 -5.73
N SER F 431 7.47 21.87 -6.78
CA SER F 431 8.91 21.94 -6.63
C SER F 431 9.40 23.31 -7.05
N LEU F 432 10.50 23.74 -6.44
CA LEU F 432 10.97 25.12 -6.61
C LEU F 432 11.21 25.46 -8.07
N ASP F 433 11.69 24.51 -8.85
CA ASP F 433 12.01 24.77 -10.24
C ASP F 433 10.79 24.85 -11.14
N ARG F 434 9.63 24.38 -10.68
CA ARG F 434 8.42 24.27 -11.49
C ARG F 434 7.35 25.34 -11.26
N LEU F 435 7.64 26.40 -10.52
CA LEU F 435 6.58 27.35 -10.14
C LEU F 435 5.90 28.07 -11.30
N MET F 436 6.35 27.86 -12.53
CA MET F 436 5.90 28.59 -13.71
C MET F 436 4.50 28.16 -14.16
N ASN F 437 3.90 29.01 -14.99
CA ASN F 437 2.70 28.65 -15.74
C ASN F 437 3.10 27.80 -16.93
N PRO F 438 2.64 26.56 -17.02
CA PRO F 438 3.11 25.67 -18.11
C PRO F 438 2.63 26.04 -19.48
N LEU F 439 1.61 26.89 -19.63
CA LEU F 439 1.04 27.14 -20.94
C LEU F 439 1.50 28.41 -21.62
N ILE F 440 2.30 29.25 -20.97
CA ILE F 440 2.55 30.60 -21.47
C ILE F 440 4.05 30.88 -21.46
N ASP F 441 4.52 31.53 -22.53
CA ASP F 441 5.92 31.92 -22.67
C ASP F 441 6.28 33.08 -21.75
N GLN F 442 7.57 33.27 -21.55
CA GLN F 442 8.06 34.44 -20.84
C GLN F 442 8.43 35.58 -21.77
N LEU F 444 11.18 37.12 -21.94
CA LEU F 444 12.60 37.04 -21.63
C LEU F 444 13.30 36.08 -22.58
N TYR F 445 14.53 36.40 -22.94
CA TYR F 445 15.30 35.63 -23.90
C TYR F 445 16.55 35.05 -23.26
N TYR F 446 16.98 33.92 -23.80
CA TYR F 446 18.19 33.26 -23.36
C TYR F 446 19.04 32.97 -24.58
N LEU F 447 20.28 32.58 -24.35
CA LEU F 447 21.22 32.37 -25.44
C LEU F 447 21.12 30.91 -25.89
N SER F 448 20.53 30.69 -27.05
CA SER F 448 20.28 29.34 -27.55
C SER F 448 21.47 28.72 -28.27
N LYS F 449 22.11 29.48 -29.16
CA LYS F 449 23.15 28.95 -30.02
C LYS F 449 24.34 29.88 -30.04
N THR F 450 25.52 29.35 -29.74
CA THR F 450 26.75 30.11 -29.86
C THR F 450 27.52 29.82 -31.13
N ILE F 451 27.07 28.88 -31.96
CA ILE F 451 27.69 28.59 -33.26
C ILE F 451 26.58 28.21 -34.23
N ASN F 452 26.76 28.61 -35.48
CA ASN F 452 25.78 28.27 -36.51
C ASN F 452 25.72 26.77 -36.73
N GLY F 453 26.88 26.12 -36.79
CA GLY F 453 26.93 24.69 -37.03
C GLY F 453 28.36 24.23 -37.04
N SER F 454 28.53 22.96 -37.42
CA SER F 454 29.87 22.38 -37.49
C SER F 454 30.68 23.06 -38.58
N GLY F 455 31.93 23.38 -38.25
CA GLY F 455 32.81 24.05 -39.18
C GLY F 455 33.85 24.85 -38.42
N GLN F 456 34.39 25.86 -39.10
CA GLN F 456 35.34 26.79 -38.51
C GLN F 456 34.76 28.19 -38.53
N ASN F 457 35.25 29.04 -37.63
CA ASN F 457 34.85 30.44 -37.56
C ASN F 457 33.33 30.59 -37.50
N GLN F 458 32.68 29.67 -36.81
CA GLN F 458 31.23 29.58 -36.78
C GLN F 458 30.60 30.41 -35.67
N GLN F 459 31.40 31.22 -34.97
CA GLN F 459 30.87 32.02 -33.86
C GLN F 459 29.67 32.83 -34.30
N THR F 460 28.59 32.72 -33.52
CA THR F 460 27.38 33.50 -33.72
C THR F 460 26.64 33.53 -32.40
N LEU F 461 25.67 34.42 -32.29
CA LEU F 461 24.82 34.52 -31.10
C LEU F 461 23.37 34.41 -31.52
N LYS F 462 22.68 33.40 -31.00
CA LYS F 462 21.25 33.22 -31.23
C LYS F 462 20.52 33.29 -29.89
N PHE F 463 19.25 33.65 -29.95
CA PHE F 463 18.44 33.76 -28.76
C PHE F 463 17.09 33.08 -29.00
N SER F 464 16.42 32.73 -27.91
CA SER F 464 15.13 32.07 -27.98
C SER F 464 14.26 32.54 -26.83
N VAL F 465 12.98 32.27 -26.95
CA VAL F 465 12.02 32.65 -25.92
C VAL F 465 11.96 31.56 -24.86
N ALA F 466 12.02 31.96 -23.60
CA ALA F 466 11.87 31.01 -22.51
C ALA F 466 10.40 30.64 -22.37
N GLY F 467 10.10 29.35 -22.48
CA GLY F 467 8.75 28.88 -22.58
C GLY F 467 8.58 27.45 -22.12
N PRO F 468 7.41 26.88 -22.35
CA PRO F 468 7.11 25.54 -21.83
C PRO F 468 7.94 24.43 -22.43
N SER F 469 8.32 24.55 -23.71
CA SER F 469 9.06 23.46 -24.33
C SER F 469 10.40 23.23 -23.64
N ASN F 470 11.11 24.29 -23.31
CA ASN F 470 12.34 24.20 -22.53
C ASN F 470 12.09 24.93 -21.22
N MET F 471 11.90 24.17 -20.13
CA MET F 471 11.67 24.78 -18.83
C MET F 471 12.93 24.97 -18.02
N ALA F 472 14.05 24.41 -18.46
CA ALA F 472 15.26 24.48 -17.64
C ALA F 472 15.83 25.87 -17.63
N VAL F 473 15.63 26.65 -18.70
CA VAL F 473 16.34 27.90 -18.88
C VAL F 473 15.54 29.11 -18.44
N GLN F 474 14.34 28.93 -17.92
CA GLN F 474 13.51 30.09 -17.64
C GLN F 474 14.05 30.88 -16.46
N GLY F 475 13.75 32.17 -16.44
CA GLY F 475 14.14 33.01 -15.33
C GLY F 475 13.29 32.73 -14.11
N ARG F 476 13.95 32.62 -12.97
CA ARG F 476 13.27 32.29 -11.73
C ARG F 476 13.69 33.28 -10.64
N ASN F 477 12.72 33.64 -9.81
CA ASN F 477 12.95 34.63 -8.77
C ASN F 477 13.66 34.06 -7.56
N TYR F 478 13.57 32.76 -7.30
CA TYR F 478 14.11 32.20 -6.08
C TYR F 478 14.82 30.89 -6.38
N ILE F 479 15.90 30.65 -5.65
CA ILE F 479 16.79 29.51 -5.90
C ILE F 479 16.87 28.67 -4.65
N PRO F 480 17.26 27.40 -4.77
CA PRO F 480 17.16 26.48 -3.63
C PRO F 480 18.20 26.78 -2.55
N GLY F 481 17.94 26.21 -1.37
CA GLY F 481 18.70 26.51 -0.19
C GLY F 481 20.13 26.02 -0.21
N PRO F 482 20.85 26.28 0.87
CA PRO F 482 22.28 25.96 0.92
C PRO F 482 22.53 24.47 1.05
N SER F 483 23.80 24.10 0.83
CA SER F 483 24.22 22.71 0.85
C SER F 483 25.66 22.59 1.33
N TYR F 484 25.94 21.47 1.99
CA TYR F 484 27.29 21.05 2.36
C TYR F 484 27.33 19.55 2.09
N ARG F 485 28.11 19.09 1.11
CA ARG F 485 27.84 17.76 0.56
C ARG F 485 28.25 16.65 1.53
N GLN F 486 27.43 15.62 1.59
CA GLN F 486 27.64 14.39 2.33
C GLN F 486 28.04 13.27 1.39
N GLN F 487 28.82 12.33 1.90
CA GLN F 487 29.15 11.13 1.15
C GLN F 487 27.94 10.21 1.07
N ARG F 488 27.85 9.45 -0.03
CA ARG F 488 26.70 8.60 -0.28
C ARG F 488 27.03 7.15 0.05
N VAL F 489 26.09 6.46 0.69
CA VAL F 489 26.24 5.06 1.10
C VAL F 489 24.99 4.30 0.67
N SER F 490 25.18 3.09 0.16
CA SER F 490 24.07 2.25 -0.27
C SER F 490 23.78 1.19 0.78
N THR F 491 22.50 0.88 0.95
CA THR F 491 22.12 -0.20 1.85
C THR F 491 22.38 -1.56 1.25
N THR F 492 22.60 -1.64 -0.06
CA THR F 492 23.12 -2.86 -0.68
C THR F 492 24.64 -2.80 -0.57
N VAL F 493 25.23 -3.74 0.18
CA VAL F 493 26.61 -3.54 0.61
C VAL F 493 27.57 -3.80 -0.53
N THR F 494 27.21 -4.68 -1.45
CA THR F 494 28.16 -5.07 -2.48
C THR F 494 28.50 -3.93 -3.42
N GLN F 495 27.65 -2.91 -3.47
CA GLN F 495 27.94 -1.79 -4.35
C GLN F 495 28.56 -0.62 -3.59
N ASN F 496 29.00 -0.89 -2.37
CA ASN F 496 29.74 0.09 -1.59
C ASN F 496 31.21 -0.26 -1.81
N ASN F 497 32.09 0.73 -1.78
CA ASN F 497 33.51 0.46 -2.01
C ASN F 497 34.07 -0.44 -0.91
N ASN F 498 34.96 -1.35 -1.28
CA ASN F 498 35.55 -2.27 -0.31
C ASN F 498 36.76 -1.66 0.40
N SER F 499 36.48 -0.68 1.25
CA SER F 499 37.49 0.00 2.04
C SER F 499 36.82 0.63 3.25
N GLU F 500 37.58 0.97 4.27
CA GLU F 500 36.96 1.58 5.45
C GLU F 500 36.95 3.09 5.28
N PHE F 501 35.77 3.63 4.96
CA PHE F 501 35.62 5.06 4.76
C PHE F 501 34.69 5.79 5.74
N ALA F 502 34.25 5.13 6.81
CA ALA F 502 33.35 5.73 7.79
C ALA F 502 33.86 7.07 8.28
N TRP F 503 35.02 7.05 8.92
CA TRP F 503 35.65 8.28 9.39
C TRP F 503 36.43 9.01 8.30
N PRO F 504 37.26 8.33 7.48
CA PRO F 504 38.04 9.07 6.49
C PRO F 504 37.21 9.83 5.48
N GLY F 505 36.17 9.21 4.92
CA GLY F 505 35.43 9.81 3.84
C GLY F 505 34.24 10.64 4.26
N ALA F 506 34.24 11.12 5.50
CA ALA F 506 33.10 11.83 6.05
C ALA F 506 33.33 13.34 6.03
N SER F 507 32.25 14.06 5.80
CA SER F 507 32.29 15.52 5.92
C SER F 507 32.41 15.90 7.40
N SER F 508 33.20 16.92 7.67
CA SER F 508 33.48 17.30 9.04
C SER F 508 33.89 18.76 9.09
N TRP F 509 33.83 19.33 10.29
CA TRP F 509 34.30 20.69 10.52
C TRP F 509 35.29 20.70 11.67
N ALA F 510 36.12 21.74 11.70
CA ALA F 510 37.23 21.84 12.63
C ALA F 510 37.11 23.11 13.46
N LEU F 511 37.26 22.96 14.77
CA LEU F 511 37.14 24.09 15.68
C LEU F 511 38.31 24.18 16.65
N GLY F 513 41.38 22.92 17.15
CA GLY F 513 42.24 21.94 16.50
C GLY F 513 41.66 20.55 16.50
N ARG F 514 40.36 20.46 16.78
CA ARG F 514 39.64 19.21 16.82
C ARG F 514 38.76 19.09 15.59
N ASN F 515 38.56 17.85 15.13
CA ASN F 515 37.72 17.57 13.98
C ASN F 515 36.42 16.94 14.42
N SER F 516 35.33 17.67 14.28
CA SER F 516 34.00 17.19 14.62
C SER F 516 33.30 16.76 13.34
N LEU F 517 32.67 15.60 13.38
CA LEU F 517 31.89 15.12 12.25
C LEU F 517 30.74 16.09 11.98
N MET F 518 30.30 16.16 10.73
CA MET F 518 29.13 16.97 10.40
C MET F 518 27.93 16.05 10.49
N ASN F 519 27.14 16.23 11.54
CA ASN F 519 25.97 15.41 11.77
C ASN F 519 24.89 16.24 12.45
N PRO F 520 23.64 16.11 11.99
CA PRO F 520 23.23 15.63 10.67
C PRO F 520 23.59 16.64 9.59
N GLY F 521 23.87 17.87 10.01
CA GLY F 521 24.28 18.92 9.12
C GLY F 521 23.13 19.82 8.73
N PRO F 522 23.33 20.64 7.70
CA PRO F 522 22.23 21.43 7.17
C PRO F 522 21.11 20.54 6.66
N ALA F 523 19.91 21.09 6.59
CA ALA F 523 18.76 20.32 6.15
C ALA F 523 18.85 20.13 4.65
N MET F 524 18.88 18.87 4.23
CA MET F 524 19.01 18.54 2.82
C MET F 524 18.27 17.23 2.55
N ALA F 525 17.81 17.10 1.31
CA ALA F 525 17.13 15.88 0.90
C ALA F 525 18.08 14.69 1.00
N SER F 526 17.53 13.53 1.33
CA SER F 526 18.37 12.36 1.54
C SER F 526 18.83 11.77 0.22
N HIS F 527 17.98 11.78 -0.79
CA HIS F 527 18.29 11.09 -2.03
C HIS F 527 17.42 11.65 -3.13
N LYS F 528 17.83 11.37 -4.37
CA LYS F 528 17.03 11.73 -5.52
C LYS F 528 15.78 10.87 -5.60
N GLU F 529 14.73 11.41 -6.19
CA GLU F 529 13.51 10.65 -6.38
C GLU F 529 13.81 9.39 -7.17
N GLY F 530 13.45 8.24 -6.60
CA GLY F 530 13.67 6.98 -7.25
C GLY F 530 14.85 6.18 -6.74
N GLU F 531 15.71 6.76 -5.89
CA GLU F 531 16.75 6.01 -5.21
C GLU F 531 16.46 6.06 -3.72
N ASP F 532 15.89 4.97 -3.17
CA ASP F 532 15.62 4.96 -1.74
C ASP F 532 16.75 4.26 -0.98
N ARG F 533 17.63 3.58 -1.69
CA ARG F 533 18.60 2.71 -1.04
C ARG F 533 19.76 3.53 -0.47
N PHE F 534 20.05 4.66 -1.11
CA PHE F 534 21.15 5.52 -0.68
C PHE F 534 20.80 6.46 0.46
N PHE F 535 21.75 6.68 1.35
CA PHE F 535 21.57 7.62 2.44
C PHE F 535 22.86 8.37 2.68
N PRO F 536 22.77 9.61 3.17
CA PRO F 536 23.97 10.40 3.47
C PRO F 536 24.72 9.72 4.60
N LEU F 537 26.04 9.64 4.53
CA LEU F 537 26.83 8.97 5.57
C LEU F 537 26.49 9.46 6.96
N SER F 538 26.57 10.77 7.17
CA SER F 538 26.23 11.34 8.47
C SER F 538 25.04 12.29 8.39
N GLY F 539 24.33 12.28 7.27
CA GLY F 539 23.21 13.20 7.05
C GLY F 539 21.92 13.08 7.85
N SER F 540 21.51 11.86 8.17
CA SER F 540 20.26 11.68 8.89
C SER F 540 20.35 11.15 10.32
N LEU F 541 19.24 11.32 11.02
CA LEU F 541 19.05 10.83 12.38
C LEU F 541 18.75 9.34 12.32
N ILE F 542 19.54 8.56 13.05
CA ILE F 542 19.44 7.11 13.03
C ILE F 542 19.02 6.64 14.40
N PHE F 543 17.82 6.07 14.50
CA PHE F 543 17.30 5.55 15.76
C PHE F 543 17.46 4.04 15.79
N GLY F 544 17.70 3.51 16.97
CA GLY F 544 17.78 2.08 17.16
C GLY F 544 16.43 1.46 17.45
N LYS F 545 16.26 0.22 17.02
CA LYS F 545 15.08 -0.55 17.34
C LYS F 545 15.14 -1.01 18.79
N GLN F 546 13.97 -1.41 19.32
CA GLN F 546 13.92 -1.93 20.68
C GLN F 546 14.87 -3.11 20.85
N GLY F 547 15.76 -3.00 21.84
CA GLY F 547 16.71 -4.06 22.11
C GLY F 547 18.01 -3.97 21.36
N THR F 548 18.17 -3.01 20.46
CA THR F 548 19.40 -2.89 19.69
C THR F 548 20.59 -2.66 20.62
N GLY F 549 21.69 -3.36 20.34
CA GLY F 549 22.84 -3.29 21.21
C GLY F 549 23.57 -1.97 21.09
N ARG F 550 24.66 -1.85 21.85
CA ARG F 550 25.39 -0.60 21.90
C ARG F 550 26.37 -0.44 20.75
N ASP F 551 27.03 -1.53 20.35
CA ASP F 551 28.21 -1.45 19.48
C ASP F 551 28.12 -2.37 18.28
N ASN F 552 28.36 -1.80 17.10
CA ASN F 552 28.51 -2.55 15.85
C ASN F 552 27.31 -3.43 15.54
N VAL F 553 26.13 -2.84 15.56
CA VAL F 553 24.92 -3.56 15.22
C VAL F 553 24.75 -3.62 13.71
N ASP F 554 24.03 -4.63 13.25
CA ASP F 554 23.72 -4.77 11.83
C ASP F 554 22.73 -3.71 11.38
N ALA F 555 22.64 -3.52 10.06
CA ALA F 555 21.84 -2.44 9.51
C ALA F 555 20.35 -2.63 9.79
N ASP F 556 19.95 -3.84 10.15
CA ASP F 556 18.55 -4.06 10.44
C ASP F 556 18.21 -3.85 11.90
N LYS F 557 19.19 -3.52 12.73
CA LYS F 557 18.94 -3.19 14.12
C LYS F 557 18.74 -1.69 14.35
N VAL F 558 18.75 -0.88 13.30
CA VAL F 558 18.61 0.55 13.43
C VAL F 558 17.54 1.05 12.47
N MET F 559 17.12 2.28 12.68
CA MET F 559 16.10 2.93 11.85
C MET F 559 16.71 4.20 11.29
N ILE F 560 16.69 4.36 9.97
CA ILE F 560 17.34 5.48 9.31
C ILE F 560 16.26 6.38 8.74
N THR F 561 16.19 7.62 9.20
CA THR F 561 15.18 8.54 8.68
C THR F 561 15.67 9.30 7.47
N ASN F 562 14.79 9.51 6.50
CA ASN F 562 15.16 10.26 5.30
C ASN F 562 14.24 11.45 5.07
N GLU F 563 14.83 12.60 4.78
CA GLU F 563 14.04 13.79 4.53
C GLU F 563 13.63 13.90 3.06
N GLU F 564 12.80 12.98 2.60
CA GLU F 564 12.32 12.92 1.22
C GLU F 564 11.44 14.11 0.86
N GLU F 565 10.62 14.53 1.81
CA GLU F 565 9.67 15.63 1.63
C GLU F 565 10.27 17.00 1.30
N ILE F 566 11.43 17.31 1.86
CA ILE F 566 12.05 18.62 1.66
C ILE F 566 12.82 18.80 0.36
N LYS F 567 12.86 17.79 -0.48
CA LYS F 567 13.60 17.89 -1.75
C LYS F 567 13.10 19.01 -2.66
N THR F 568 11.79 19.24 -2.68
CA THR F 568 11.19 20.31 -3.48
C THR F 568 11.93 21.65 -3.35
N THR F 569 12.30 22.01 -2.13
CA THR F 569 13.05 23.25 -1.92
C THR F 569 14.51 23.05 -1.50
N ASN F 570 14.96 21.82 -1.29
CA ASN F 570 16.30 21.68 -0.75
C ASN F 570 17.15 20.77 -1.63
N PRO F 571 18.43 21.10 -1.79
CA PRO F 571 19.32 20.26 -2.60
C PRO F 571 19.56 18.92 -1.94
N VAL F 572 19.83 17.92 -2.78
CA VAL F 572 20.12 16.59 -2.27
C VAL F 572 21.43 16.63 -1.51
N ALA F 573 21.46 15.97 -0.34
CA ALA F 573 22.64 16.00 0.51
C ALA F 573 23.84 15.37 -0.16
N THR F 574 23.63 14.43 -1.07
CA THR F 574 24.71 13.71 -1.72
C THR F 574 25.06 14.25 -3.10
N GLU F 575 24.42 15.33 -3.54
CA GLU F 575 24.66 15.91 -4.85
C GLU F 575 25.27 17.30 -4.73
N SER F 576 26.05 17.67 -5.73
CA SER F 576 26.60 19.03 -5.76
C SER F 576 25.50 20.06 -5.90
N TYR F 577 25.75 21.26 -5.39
CA TYR F 577 24.75 22.31 -5.48
C TYR F 577 24.54 22.74 -6.92
N GLY F 578 25.60 22.78 -7.72
CA GLY F 578 25.50 23.20 -9.10
C GLY F 578 26.88 23.38 -9.71
N GLN F 579 26.94 24.17 -10.77
CA GLN F 579 28.18 24.46 -11.46
C GLN F 579 28.39 25.96 -11.56
N VAL F 580 29.66 26.36 -11.62
CA VAL F 580 30.04 27.75 -11.85
C VAL F 580 31.12 27.79 -12.92
N ALA F 581 31.32 28.97 -13.49
CA ALA F 581 32.38 29.17 -14.46
C ALA F 581 33.71 29.30 -13.75
N THR F 582 34.72 28.60 -14.24
CA THR F 582 36.05 28.68 -13.68
C THR F 582 37.00 29.57 -14.47
N ASN F 583 36.56 30.18 -15.58
CA ASN F 583 37.50 30.93 -16.41
C ASN F 583 36.74 31.94 -17.26
N HIS F 584 37.49 32.67 -18.08
CA HIS F 584 36.93 33.48 -19.16
C HIS F 584 37.14 32.73 -20.46
N GLN F 585 36.05 32.44 -21.16
CA GLN F 585 36.19 31.83 -22.47
C GLN F 585 36.80 32.84 -23.43
N SER F 586 37.41 32.31 -24.48
CA SER F 586 37.96 33.12 -25.55
C SER F 586 38.11 32.21 -26.75
N ALA F 587 38.55 32.78 -27.87
CA ALA F 587 38.79 31.96 -29.04
C ALA F 587 39.87 30.92 -28.79
N GLN F 588 40.76 31.18 -27.83
CA GLN F 588 41.86 30.29 -27.51
C GLN F 588 41.59 29.38 -26.33
N ALA F 589 40.45 29.51 -25.66
CA ALA F 589 40.17 28.69 -24.49
C ALA F 589 38.69 28.33 -24.44
N GLN F 590 38.40 27.06 -24.16
CA GLN F 590 37.01 26.65 -24.04
C GLN F 590 36.43 27.16 -22.72
N ALA F 591 35.11 27.22 -22.67
CA ALA F 591 34.43 27.57 -21.44
C ALA F 591 34.56 26.43 -20.44
N GLN F 592 35.13 26.73 -19.28
CA GLN F 592 35.47 25.73 -18.28
C GLN F 592 34.63 25.95 -17.03
N THR F 593 34.04 24.87 -16.52
CA THR F 593 33.18 24.92 -15.36
C THR F 593 33.65 23.92 -14.32
N GLY F 594 33.15 24.08 -13.10
CA GLY F 594 33.51 23.19 -12.02
C GLY F 594 32.35 23.04 -11.07
N TRP F 595 32.38 21.96 -10.28
CA TRP F 595 31.29 21.61 -9.39
C TRP F 595 31.38 22.41 -8.10
N VAL F 596 30.22 22.84 -7.61
CA VAL F 596 30.12 23.52 -6.33
C VAL F 596 29.78 22.46 -5.29
N GLN F 597 30.73 22.16 -4.39
CA GLN F 597 30.49 21.09 -3.43
C GLN F 597 29.86 21.60 -2.14
N ASN F 598 29.85 22.90 -1.91
CA ASN F 598 29.18 23.47 -0.75
C ASN F 598 28.79 24.91 -1.07
N GLN F 599 27.66 25.34 -0.52
CA GLN F 599 27.12 26.66 -0.83
C GLN F 599 26.54 27.28 0.43
N GLY F 600 26.88 28.52 0.71
CA GLY F 600 26.26 29.26 1.78
C GLY F 600 25.18 30.19 1.27
N ILE F 601 24.51 30.83 2.23
CA ILE F 601 23.31 31.61 1.92
C ILE F 601 23.60 32.64 0.86
N LEU F 602 22.75 32.66 -0.18
CA LEU F 602 22.69 33.67 -1.21
C LEU F 602 21.32 34.32 -1.17
N PRO F 603 21.24 35.62 -1.45
CA PRO F 603 19.94 36.30 -1.41
C PRO F 603 18.99 35.68 -2.42
N GLY F 604 17.80 35.32 -1.96
CA GLY F 604 16.86 34.62 -2.79
C GLY F 604 16.78 33.13 -2.58
N MET F 605 17.45 32.58 -1.57
CA MET F 605 17.30 31.17 -1.25
C MET F 605 16.09 30.96 -0.36
N VAL F 606 15.40 29.85 -0.61
CA VAL F 606 14.33 29.39 0.27
C VAL F 606 14.57 27.91 0.55
N TRP F 607 14.30 27.50 1.79
CA TRP F 607 14.61 26.14 2.19
C TRP F 607 13.64 25.71 3.27
N GLN F 608 13.58 24.39 3.47
CA GLN F 608 12.85 23.77 4.56
C GLN F 608 13.79 23.31 5.65
N ASP F 609 13.33 23.39 6.89
CA ASP F 609 14.11 22.88 8.01
C ASP F 609 13.93 21.37 8.11
N ARG F 610 14.62 20.77 9.06
CA ARG F 610 14.57 19.32 9.23
C ARG F 610 13.32 18.91 9.99
N ASP F 611 12.78 17.76 9.62
CA ASP F 611 11.56 17.26 10.21
C ASP F 611 11.83 16.81 11.65
N VAL F 612 10.76 16.75 12.44
CA VAL F 612 10.83 16.25 13.81
C VAL F 612 10.05 14.94 13.85
N TYR F 613 10.38 14.10 14.81
CA TYR F 613 9.84 12.75 14.84
C TYR F 613 9.23 12.45 16.20
N LEU F 614 8.44 11.37 16.23
CA LEU F 614 7.88 10.94 17.50
C LEU F 614 8.97 10.70 18.54
N GLN F 615 10.10 10.13 18.11
CA GLN F 615 11.23 9.86 18.98
C GLN F 615 12.13 11.07 19.19
N GLY F 616 12.26 11.95 18.20
CA GLY F 616 13.28 12.96 18.19
C GLY F 616 13.11 14.04 19.23
N PRO F 617 14.09 14.93 19.32
CA PRO F 617 14.07 15.98 20.33
C PRO F 617 13.07 17.08 20.00
N ILE F 618 12.77 17.91 21.00
CA ILE F 618 11.83 18.99 20.80
C ILE F 618 12.57 20.32 20.68
N TRP F 619 13.13 20.80 21.79
CA TRP F 619 13.82 22.08 21.76
C TRP F 619 15.32 21.92 21.91
N LEU F 687 -1.55 24.93 17.52
CA LEU F 687 -1.94 24.24 16.29
C LEU F 687 -2.27 25.17 15.14
N GLN F 688 -2.16 24.64 13.93
CA GLN F 688 -2.51 25.36 12.71
C GLN F 688 -3.35 24.43 11.83
N LYS F 689 -4.62 24.79 11.63
CA LYS F 689 -5.51 23.95 10.85
C LYS F 689 -5.17 24.02 9.36
N GLU F 690 -5.61 23.00 8.63
CA GLU F 690 -5.40 22.94 7.19
C GLU F 690 -6.49 23.71 6.44
N ASN F 691 -6.05 24.63 5.59
CA ASN F 691 -6.94 25.46 4.79
C ASN F 691 -7.07 24.99 3.33
N SER F 692 -6.44 23.87 2.98
CA SER F 692 -6.20 23.53 1.58
C SER F 692 -7.47 23.39 0.75
N LYS F 693 -7.38 23.80 -0.52
CA LYS F 693 -8.43 23.61 -1.53
C LYS F 693 -8.22 22.38 -2.39
N ARG F 694 -7.20 21.57 -2.09
CA ARG F 694 -6.90 20.38 -2.89
C ARG F 694 -8.12 19.49 -3.08
N TRP F 695 -8.35 19.07 -4.32
CA TRP F 695 -9.52 18.25 -4.63
C TRP F 695 -9.31 16.78 -4.27
N ASN F 696 -8.20 16.19 -4.70
CA ASN F 696 -7.98 14.77 -4.48
C ASN F 696 -7.56 14.52 -3.03
N PRO F 697 -7.69 13.29 -2.55
CA PRO F 697 -7.36 13.02 -1.15
C PRO F 697 -5.86 13.07 -0.87
N GLU F 698 -5.55 13.49 0.36
CA GLU F 698 -4.19 13.58 0.88
C GLU F 698 -3.59 12.20 1.13
N ILE F 699 -2.27 12.18 1.31
CA ILE F 699 -1.59 11.05 1.93
C ILE F 699 -1.67 11.23 3.44
N GLN F 700 -2.00 10.14 4.14
CA GLN F 700 -2.11 10.15 5.59
C GLN F 700 -1.17 9.09 6.15
N TYR F 701 -0.90 9.17 7.44
CA TYR F 701 -0.19 8.12 8.14
C TYR F 701 -1.21 7.12 8.64
N THR F 702 -1.02 5.85 8.29
CA THR F 702 -2.00 4.81 8.57
C THR F 702 -1.29 3.57 9.08
N SER F 703 -1.98 2.83 9.93
CA SER F 703 -1.51 1.51 10.33
C SER F 703 -1.88 0.49 9.26
N ASN F 704 -1.13 -0.62 9.25
CA ASN F 704 -1.33 -1.63 8.23
C ASN F 704 -2.51 -2.54 8.57
N TYR F 705 -3.16 -3.06 7.54
CA TYR F 705 -4.33 -3.90 7.70
C TYR F 705 -4.06 -5.40 7.90
N TYR F 706 -2.86 -5.86 7.57
CA TYR F 706 -2.55 -7.27 7.67
C TYR F 706 -2.43 -7.81 9.09
N LYS F 707 -2.73 -9.10 9.23
CA LYS F 707 -2.63 -9.79 10.51
C LYS F 707 -1.17 -9.98 10.85
N SER F 708 -0.83 -9.87 12.12
CA SER F 708 0.54 -10.05 12.57
C SER F 708 0.59 -10.60 13.99
N ASN F 709 1.74 -11.11 14.39
CA ASN F 709 1.91 -11.66 15.72
C ASN F 709 1.70 -10.60 16.80
N ASN F 710 2.21 -9.41 16.57
CA ASN F 710 2.07 -8.33 17.53
C ASN F 710 1.47 -7.09 16.88
N VAL F 711 0.71 -6.33 17.67
CA VAL F 711 0.12 -5.11 17.21
C VAL F 711 1.24 -4.07 17.24
N GLU F 712 1.28 -3.16 16.27
CA GLU F 712 2.33 -2.15 16.23
C GLU F 712 2.15 -1.18 17.40
N PHE F 713 3.26 -0.66 17.91
CA PHE F 713 3.27 0.27 19.04
C PHE F 713 2.59 -0.26 20.31
N ALA F 714 2.81 -1.54 20.61
CA ALA F 714 2.23 -2.16 21.79
C ALA F 714 3.24 -3.08 22.49
N VAL F 715 2.78 -3.84 23.49
CA VAL F 715 3.65 -4.78 24.20
C VAL F 715 3.54 -6.17 23.58
N ASN F 716 4.60 -6.95 23.72
CA ASN F 716 4.61 -8.35 23.32
C ASN F 716 4.28 -9.23 24.53
N THR F 717 4.52 -10.53 24.38
CA THR F 717 4.20 -11.46 25.46
C THR F 717 5.07 -11.23 26.69
N GLU F 718 6.34 -10.83 26.51
CA GLU F 718 7.17 -10.59 27.68
C GLU F 718 6.88 -9.26 28.33
N GLY F 719 6.06 -8.41 27.73
CA GLY F 719 5.76 -7.12 28.28
C GLY F 719 6.66 -6.00 27.81
N VAL F 720 7.40 -6.20 26.73
CA VAL F 720 8.35 -5.21 26.25
C VAL F 720 7.65 -4.29 25.24
N TYR F 721 7.58 -3.01 25.56
CA TYR F 721 7.02 -2.02 24.65
C TYR F 721 8.08 -1.62 23.63
N SER F 722 7.65 -1.37 22.40
CA SER F 722 8.58 -1.08 21.32
C SER F 722 7.94 -0.12 20.33
N GLU F 723 8.79 0.59 19.59
CA GLU F 723 8.35 1.49 18.55
C GLU F 723 8.93 0.88 17.28
N PRO F 724 8.07 0.32 16.42
CA PRO F 724 8.51 -0.35 15.19
C PRO F 724 9.22 0.53 14.18
N ARG F 725 8.75 1.76 13.98
CA ARG F 725 9.40 2.64 13.01
C ARG F 725 9.26 4.11 13.38
N PRO F 726 10.13 4.95 12.82
CA PRO F 726 10.07 6.39 13.10
C PRO F 726 8.91 7.02 12.35
N ILE F 727 8.31 8.05 12.93
CA ILE F 727 7.19 8.73 12.30
C ILE F 727 7.54 10.19 12.11
N GLY F 728 7.64 10.61 10.86
CA GLY F 728 7.82 12.01 10.53
C GLY F 728 6.55 12.79 10.72
N THR F 729 6.67 14.10 10.59
CA THR F 729 5.52 14.97 10.78
C THR F 729 4.86 15.42 9.48
N ARG F 730 5.39 15.03 8.32
CA ARG F 730 5.01 15.67 7.06
C ARG F 730 4.22 14.71 6.19
N TYR F 731 2.92 14.96 6.10
CA TYR F 731 1.97 14.21 5.28
C TYR F 731 1.06 15.10 4.45
N LEU F 732 0.32 16.00 5.06
CA LEU F 732 -0.47 16.98 4.32
C LEU F 732 0.44 17.81 3.44
N THR F 733 -0.14 18.42 2.40
CA THR F 733 0.63 19.18 1.45
C THR F 733 0.11 20.62 1.33
N ARG F 734 1.03 21.51 1.00
CA ARG F 734 0.72 22.90 0.66
C ARG F 734 1.24 23.20 -0.73
N ASN F 735 0.71 24.26 -1.32
CA ASN F 735 1.33 24.84 -2.48
C ASN F 735 2.61 25.56 -2.08
N LEU F 736 3.49 25.76 -3.04
CA LEU F 736 4.74 26.43 -2.76
C LEU F 736 4.58 27.93 -3.00
N GLU G 1 13.37 2.56 -4.56
CA GLU G 1 12.55 1.93 -5.59
C GLU G 1 12.29 0.47 -5.22
N VAL G 2 11.51 -0.23 -6.03
CA VAL G 2 11.18 -1.62 -5.77
C VAL G 2 12.44 -2.47 -5.85
N GLN G 3 12.60 -3.38 -4.89
CA GLN G 3 13.76 -4.24 -4.83
C GLN G 3 13.39 -5.62 -4.30
N LEU G 4 13.56 -6.62 -5.16
CA LEU G 4 13.26 -8.00 -4.86
C LEU G 4 14.56 -8.79 -4.79
N LEU G 5 14.75 -9.51 -3.70
CA LEU G 5 16.01 -10.18 -3.41
C LEU G 5 15.73 -11.58 -2.88
N GLU G 6 16.24 -12.59 -3.58
CA GLU G 6 15.98 -13.98 -3.23
C GLU G 6 17.11 -14.55 -2.40
N SER G 7 16.76 -15.28 -1.35
CA SER G 7 17.72 -15.91 -0.46
C SER G 7 18.00 -17.35 -0.87
N GLY G 8 18.61 -18.10 0.04
CA GLY G 8 19.28 -19.35 -0.24
C GLY G 8 18.61 -20.41 -1.08
N GLY G 9 19.38 -20.90 -2.04
CA GLY G 9 19.02 -21.95 -2.96
C GLY G 9 20.31 -22.74 -3.13
N GLY G 10 20.23 -24.05 -3.15
CA GLY G 10 21.47 -24.79 -3.29
C GLY G 10 21.38 -26.07 -4.05
N LEU G 11 22.02 -27.09 -3.50
CA LEU G 11 22.02 -28.40 -4.11
C LEU G 11 21.24 -29.31 -3.20
N VAL G 12 20.23 -29.96 -3.75
CA VAL G 12 19.44 -30.89 -2.96
C VAL G 12 19.25 -32.19 -3.74
N GLN G 13 19.35 -33.30 -3.03
CA GLN G 13 19.16 -34.61 -3.65
C GLN G 13 17.68 -34.81 -3.95
N PRO G 14 17.37 -35.67 -4.93
CA PRO G 14 15.97 -35.89 -5.29
C PRO G 14 15.19 -36.41 -4.09
N GLY G 15 13.99 -35.85 -3.90
CA GLY G 15 13.12 -36.18 -2.80
C GLY G 15 13.32 -35.29 -1.59
N GLY G 16 14.36 -34.47 -1.64
CA GLY G 16 14.69 -33.53 -0.58
C GLY G 16 13.86 -32.27 -0.68
N SER G 17 13.72 -31.55 0.43
CA SER G 17 12.96 -30.31 0.42
C SER G 17 13.78 -29.15 0.98
N LEU G 18 13.76 -28.03 0.28
CA LEU G 18 14.49 -26.84 0.71
C LEU G 18 13.55 -25.63 0.70
N ARG G 19 13.91 -24.55 1.37
CA ARG G 19 13.01 -23.40 1.44
C ARG G 19 13.67 -22.16 0.84
N LEU G 20 12.90 -21.41 0.06
CA LEU G 20 13.35 -20.17 -0.56
C LEU G 20 12.63 -18.99 0.07
N SER G 21 13.28 -17.84 0.05
CA SER G 21 12.69 -16.63 0.58
C SER G 21 13.10 -15.43 -0.25
N CYS G 22 12.25 -14.40 -0.22
CA CYS G 22 12.41 -13.20 -1.02
C CYS G 22 12.15 -12.00 -0.12
N ALA G 23 13.14 -11.13 0.01
CA ALA G 23 12.99 -9.93 0.82
C ALA G 23 12.63 -8.78 -0.10
N ALA G 24 11.41 -8.28 0.02
CA ALA G 24 10.91 -7.20 -0.81
C ALA G 24 10.97 -5.90 -0.04
N SER G 25 11.28 -4.82 -0.75
CA SER G 25 11.34 -3.50 -0.15
C SER G 25 11.10 -2.44 -1.22
N GLY G 26 10.90 -1.20 -0.79
CA GLY G 26 10.68 -0.11 -1.70
C GLY G 26 9.24 0.06 -2.16
N PHE G 27 8.34 -0.76 -1.64
CA PHE G 27 6.93 -0.68 -1.98
C PHE G 27 6.11 -1.27 -0.86
N THR G 28 4.80 -1.03 -0.85
CA THR G 28 3.99 -1.57 0.21
C THR G 28 3.71 -3.00 -0.18
N PHE G 29 4.39 -3.92 0.49
CA PHE G 29 4.33 -5.34 0.20
C PHE G 29 2.98 -6.00 0.38
N SER G 30 2.28 -5.63 1.44
CA SER G 30 0.99 -6.23 1.75
C SER G 30 -0.05 -6.01 0.66
N ASN G 31 -0.03 -4.84 0.04
CA ASN G 31 -0.96 -4.49 -1.01
C ASN G 31 -0.94 -5.33 -2.29
N TYR G 32 0.24 -5.74 -2.73
CA TYR G 32 0.36 -6.51 -3.98
C TYR G 32 0.46 -8.02 -3.85
N ALA G 33 0.28 -8.71 -4.97
CA ALA G 33 0.31 -10.15 -5.04
C ALA G 33 1.66 -10.57 -5.58
N MET G 34 2.28 -11.54 -4.95
CA MET G 34 3.62 -11.96 -5.31
C MET G 34 3.57 -13.35 -5.92
N SER G 35 4.52 -13.63 -6.79
CA SER G 35 4.49 -14.85 -7.57
C SER G 35 5.91 -15.36 -7.76
N TRP G 36 6.06 -16.68 -7.77
CA TRP G 36 7.31 -17.32 -8.14
C TRP G 36 7.19 -17.80 -9.57
N VAL G 37 8.27 -17.65 -10.32
CA VAL G 37 8.35 -18.07 -11.72
C VAL G 37 9.71 -18.69 -11.93
N ARG G 38 9.79 -19.64 -12.85
CA ARG G 38 10.89 -20.59 -12.93
C ARG G 38 11.43 -20.62 -14.35
N GLN G 39 12.75 -20.62 -14.50
CA GLN G 39 13.38 -20.77 -15.79
C GLN G 39 14.43 -21.87 -15.72
N ALA G 40 14.15 -23.00 -16.38
CA ALA G 40 15.11 -24.08 -16.43
C ALA G 40 16.32 -23.65 -17.26
N PRO G 41 17.49 -24.26 -17.06
CA PRO G 41 18.73 -23.67 -17.57
C PRO G 41 18.74 -23.32 -19.05
N GLY G 42 18.32 -24.23 -19.93
CA GLY G 42 18.20 -23.86 -21.33
C GLY G 42 16.78 -23.50 -21.71
N LYS G 43 15.81 -23.94 -20.92
CA LYS G 43 14.40 -23.74 -21.20
C LYS G 43 13.99 -22.30 -20.94
N GLY G 44 12.80 -21.96 -21.42
CA GLY G 44 12.23 -20.65 -21.17
C GLY G 44 11.57 -20.54 -19.80
N LEU G 45 10.63 -19.62 -19.69
CA LEU G 45 10.06 -19.25 -18.41
C LEU G 45 8.79 -20.03 -18.12
N GLU G 46 8.60 -20.37 -16.85
CA GLU G 46 7.39 -21.07 -16.41
C GLU G 46 6.92 -20.50 -15.09
N TRP G 47 5.65 -20.12 -15.04
CA TRP G 47 5.01 -19.67 -13.81
C TRP G 47 4.83 -20.86 -12.88
N VAL G 48 4.92 -20.62 -11.58
CA VAL G 48 4.90 -21.72 -10.61
C VAL G 48 3.72 -21.56 -9.65
N SER G 49 3.72 -20.48 -8.87
CA SER G 49 2.64 -20.28 -7.92
C SER G 49 2.47 -18.81 -7.56
N LEU G 50 1.27 -18.46 -7.11
CA LEU G 50 0.97 -17.10 -6.73
C LEU G 50 0.25 -17.01 -5.39
N ILE G 51 0.51 -15.95 -4.66
CA ILE G 51 -0.14 -15.70 -3.39
C ILE G 51 -0.54 -14.23 -3.47
N SER G 52 -1.74 -13.89 -3.02
CA SER G 52 -2.20 -12.53 -3.15
C SER G 52 -2.50 -11.77 -1.88
N GLY G 53 -1.93 -10.57 -1.76
CA GLY G 53 -2.24 -9.71 -0.63
C GLY G 53 -1.96 -10.40 0.67
N SER G 54 -3.04 -10.57 1.41
CA SER G 54 -3.09 -11.23 2.71
C SER G 54 -2.68 -12.70 2.67
N GLY G 55 -2.87 -13.37 1.54
CA GLY G 55 -2.51 -14.77 1.44
C GLY G 55 -3.71 -15.68 1.49
N GLY G 56 -4.89 -15.07 1.46
CA GLY G 56 -6.13 -15.83 1.46
C GLY G 56 -6.24 -16.73 0.25
N SER G 57 -5.82 -16.23 -0.91
CA SER G 57 -5.88 -17.01 -2.13
C SER G 57 -4.50 -17.46 -2.59
N ILE G 58 -4.36 -18.76 -2.82
CA ILE G 58 -3.10 -19.37 -3.24
C ILE G 58 -3.39 -20.35 -4.36
N ASP G 59 -2.63 -20.25 -5.45
CA ASP G 59 -2.78 -21.16 -6.58
C ASP G 59 -1.40 -21.61 -7.06
N TYR G 60 -1.35 -22.81 -7.65
CA TYR G 60 -0.11 -23.41 -8.10
C TYR G 60 -0.28 -23.87 -9.54
N ALA G 61 0.85 -24.03 -10.22
CA ALA G 61 0.83 -24.62 -11.55
C ALA G 61 0.66 -26.12 -11.43
N ASP G 62 0.05 -26.74 -12.45
CA ASP G 62 -0.23 -28.17 -12.37
C ASP G 62 1.05 -29.00 -12.23
N SER G 63 2.19 -28.42 -12.59
CA SER G 63 3.45 -29.13 -12.46
C SER G 63 3.85 -29.29 -11.00
N VAL G 64 3.65 -28.24 -10.20
CA VAL G 64 4.21 -28.18 -8.85
C VAL G 64 3.20 -28.58 -7.79
N LYS G 65 1.97 -28.90 -8.18
CA LYS G 65 0.88 -29.01 -7.22
C LYS G 65 1.11 -30.17 -6.26
N GLY G 66 0.98 -29.89 -4.96
CA GLY G 66 1.11 -30.88 -3.93
C GLY G 66 2.53 -31.01 -3.41
N ARG G 67 3.51 -30.66 -4.25
CA ARG G 67 4.89 -30.65 -3.78
C ARG G 67 5.25 -29.33 -3.11
N PHE G 68 4.80 -28.22 -3.68
CA PHE G 68 5.23 -26.88 -3.33
C PHE G 68 4.17 -26.21 -2.47
N THR G 69 4.60 -25.38 -1.54
CA THR G 69 3.69 -24.52 -0.79
C THR G 69 4.29 -23.14 -0.63
N ILE G 70 3.52 -22.12 -0.98
CA ILE G 70 3.94 -20.73 -0.96
C ILE G 70 3.30 -20.07 0.25
N SER G 71 3.98 -19.10 0.83
CA SER G 71 3.44 -18.36 1.95
C SER G 71 4.17 -17.03 2.06
N ARG G 72 3.55 -16.10 2.76
CA ARG G 72 4.16 -14.80 2.96
C ARG G 72 3.96 -14.35 4.40
N ASP G 73 4.89 -13.54 4.89
CA ASP G 73 4.73 -12.86 6.16
C ASP G 73 4.77 -11.37 5.88
N ASN G 74 3.60 -10.73 5.95
CA ASN G 74 3.50 -9.32 5.68
C ASN G 74 4.25 -8.52 6.73
N SER G 75 4.39 -9.09 7.91
CA SER G 75 5.09 -8.41 8.99
C SER G 75 6.53 -8.16 8.62
N LYS G 76 7.17 -9.16 8.01
CA LYS G 76 8.57 -9.05 7.65
C LYS G 76 8.85 -8.79 6.17
N ASN G 77 7.81 -8.47 5.42
CA ASN G 77 7.94 -8.17 3.99
C ASN G 77 8.71 -9.28 3.25
N THR G 78 8.48 -10.52 3.64
CA THR G 78 9.14 -11.64 2.98
C THR G 78 8.13 -12.56 2.32
N LEU G 79 8.52 -13.07 1.18
CA LEU G 79 7.81 -14.13 0.48
C LEU G 79 8.60 -15.41 0.60
N TYR G 80 7.93 -16.52 0.84
CA TYR G 80 8.60 -17.80 1.02
C TYR G 80 8.12 -18.77 -0.06
N LEU G 81 8.93 -19.79 -0.31
CA LEU G 81 8.50 -20.94 -1.11
C LEU G 81 9.10 -22.16 -0.43
N GLN G 82 8.26 -23.14 -0.13
CA GLN G 82 8.76 -24.38 0.45
C GLN G 82 8.67 -25.47 -0.60
N MET G 83 9.82 -25.92 -1.09
CA MET G 83 9.89 -26.99 -2.06
C MET G 83 10.00 -28.32 -1.32
N ASP G 84 9.10 -29.24 -1.61
CA ASP G 84 9.11 -30.56 -1.00
C ASP G 84 9.12 -31.61 -2.09
N SER G 85 9.74 -32.74 -1.78
CA SER G 85 9.71 -33.92 -2.65
C SER G 85 10.19 -33.57 -4.04
N LEU G 86 11.34 -32.92 -4.11
CA LEU G 86 11.85 -32.42 -5.37
C LEU G 86 12.25 -33.55 -6.31
N ARG G 87 12.32 -33.23 -7.59
CA ARG G 87 12.81 -34.14 -8.61
C ARG G 87 13.98 -33.50 -9.32
N ALA G 88 14.62 -34.27 -10.18
CA ALA G 88 15.65 -33.70 -11.05
C ALA G 88 15.03 -32.81 -12.10
N GLU G 89 13.73 -32.97 -12.33
CA GLU G 89 13.04 -32.16 -13.32
C GLU G 89 12.74 -30.77 -12.78
N ASP G 90 12.90 -30.58 -11.48
CA ASP G 90 12.61 -29.29 -10.86
C ASP G 90 13.83 -28.39 -10.61
N THR G 91 14.82 -28.39 -11.49
CA THR G 91 15.97 -27.52 -11.28
C THR G 91 16.07 -26.39 -12.30
N ALA G 92 15.95 -25.16 -11.81
CA ALA G 92 16.02 -23.97 -12.65
C ALA G 92 16.24 -22.73 -11.79
N VAL G 93 16.52 -21.60 -12.41
CA VAL G 93 16.65 -20.36 -11.67
C VAL G 93 15.24 -19.98 -11.21
N TYR G 94 15.10 -19.43 -10.02
CA TYR G 94 13.78 -19.05 -9.52
C TYR G 94 13.66 -17.55 -9.35
N TYR G 95 12.56 -16.99 -9.83
CA TYR G 95 12.36 -15.55 -9.76
C TYR G 95 11.23 -15.11 -8.88
N CYS G 96 11.49 -14.06 -8.12
CA CYS G 96 10.50 -13.45 -7.25
C CYS G 96 9.88 -12.38 -8.13
N SER G 97 8.56 -12.31 -8.18
CA SER G 97 7.92 -11.34 -9.05
C SER G 97 6.73 -10.69 -8.37
N LYS G 98 6.25 -9.61 -8.98
CA LYS G 98 5.29 -8.71 -8.36
C LYS G 98 4.10 -8.48 -9.28
N ASP G 99 2.90 -8.47 -8.70
CA ASP G 99 1.70 -8.14 -9.45
C ASP G 99 1.53 -6.62 -9.48
N PRO G 100 1.14 -6.04 -10.61
CA PRO G 100 0.90 -4.59 -10.63
C PRO G 100 -0.31 -4.13 -9.86
N ILE G 101 -1.34 -4.97 -9.74
CA ILE G 101 -2.61 -4.47 -9.26
C ILE G 101 -2.61 -4.39 -7.74
N TYR G 102 -3.26 -3.35 -7.22
CA TYR G 102 -3.16 -2.93 -5.83
C TYR G 102 -4.39 -3.40 -5.06
N TYR G 103 -4.17 -4.00 -3.91
CA TYR G 103 -5.25 -4.53 -3.10
C TYR G 103 -5.40 -3.86 -1.74
N ASP G 104 -6.62 -3.49 -1.41
CA ASP G 104 -6.96 -2.87 -0.14
C ASP G 104 -8.21 -3.55 0.39
N LEU G 105 -8.52 -3.34 1.66
CA LEU G 105 -9.67 -3.99 2.27
C LEU G 105 -11.00 -3.67 1.58
N SER G 106 -11.18 -2.45 1.08
CA SER G 106 -12.41 -2.11 0.39
C SER G 106 -12.33 -2.56 -1.07
N GLY G 107 -12.42 -3.87 -1.27
CA GLY G 107 -12.35 -4.47 -2.58
C GLY G 107 -11.99 -5.93 -2.43
N TYR G 108 -11.97 -6.65 -3.55
CA TYR G 108 -11.65 -8.06 -3.52
C TYR G 108 -10.48 -8.31 -4.41
N TYR G 109 -9.76 -9.38 -4.12
CA TYR G 109 -8.61 -9.75 -4.92
C TYR G 109 -9.12 -10.09 -6.29
N ALA G 110 -8.43 -9.62 -7.32
CA ALA G 110 -8.82 -9.91 -8.69
C ALA G 110 -8.66 -11.40 -8.89
N GLY G 111 -9.53 -12.02 -9.67
CA GLY G 111 -9.47 -13.47 -9.80
C GLY G 111 -8.17 -14.07 -10.30
N ARG G 112 -7.48 -13.37 -11.20
CA ARG G 112 -6.27 -13.84 -11.81
C ARG G 112 -5.15 -12.84 -11.67
N ILE G 113 -3.90 -13.28 -11.84
CA ILE G 113 -2.79 -12.34 -11.82
C ILE G 113 -2.58 -11.84 -13.24
N TYR G 114 -2.01 -10.65 -13.34
CA TYR G 114 -1.73 -9.95 -14.57
C TYR G 114 -0.26 -10.15 -14.93
N TYR G 115 0.26 -9.26 -15.78
CA TYR G 115 1.67 -9.29 -16.15
C TYR G 115 2.57 -9.10 -14.95
N PHE G 116 3.84 -9.49 -15.09
CA PHE G 116 4.77 -9.43 -13.97
C PHE G 116 5.49 -8.09 -13.98
N ASP G 117 5.26 -7.31 -12.94
CA ASP G 117 5.66 -5.91 -12.94
C ASP G 117 7.15 -5.76 -12.67
N TYR G 118 7.66 -6.43 -11.64
CA TYR G 118 9.05 -6.38 -11.27
C TYR G 118 9.56 -7.78 -11.00
N TRP G 119 10.88 -7.91 -10.97
CA TRP G 119 11.53 -9.21 -10.92
C TRP G 119 12.75 -9.09 -10.02
N GLY G 120 13.09 -10.17 -9.34
CA GLY G 120 14.33 -10.19 -8.62
C GLY G 120 15.40 -10.95 -9.37
N GLN G 121 16.65 -10.76 -8.97
CA GLN G 121 17.72 -11.56 -9.57
C GLN G 121 17.61 -12.96 -9.01
N GLY G 122 17.36 -13.93 -9.87
CA GLY G 122 16.89 -15.21 -9.40
C GLY G 122 17.98 -16.02 -8.71
N THR G 123 17.56 -16.85 -7.77
CA THR G 123 18.42 -17.81 -7.10
C THR G 123 18.30 -19.15 -7.81
N LEU G 124 19.40 -19.90 -7.86
CA LEU G 124 19.40 -21.14 -8.60
C LEU G 124 19.29 -22.34 -7.67
N VAL G 125 18.57 -23.36 -8.11
CA VAL G 125 18.35 -24.58 -7.35
C VAL G 125 18.68 -25.77 -8.24
N THR G 126 19.71 -26.54 -7.87
CA THR G 126 20.00 -27.79 -8.58
C THR G 126 19.56 -28.96 -7.74
N VAL G 127 18.83 -29.89 -8.35
CA VAL G 127 18.44 -31.12 -7.69
C VAL G 127 19.16 -32.26 -8.40
N SER G 128 20.15 -32.83 -7.72
CA SER G 128 20.92 -33.93 -8.26
C SER G 128 21.55 -34.67 -7.10
N SER G 129 22.06 -35.87 -7.38
CA SER G 129 22.78 -36.64 -6.38
C SER G 129 24.27 -36.47 -6.65
N ALA G 130 24.91 -35.67 -5.81
CA ALA G 130 26.30 -35.25 -5.98
C ALA G 130 26.70 -34.50 -4.71
N GLU H 1 -4.26 -23.38 -20.31
CA GLU H 1 -3.10 -23.93 -21.00
C GLU H 1 -3.03 -23.42 -22.44
N ILE H 2 -3.39 -22.15 -22.64
CA ILE H 2 -3.21 -21.55 -23.94
C ILE H 2 -1.74 -21.59 -24.31
N VAL H 3 -1.44 -22.19 -25.46
CA VAL H 3 -0.07 -22.36 -25.90
C VAL H 3 0.35 -21.15 -26.71
N MET H 4 1.49 -20.57 -26.35
CA MET H 4 2.03 -19.39 -27.02
C MET H 4 3.15 -19.83 -27.95
N THR H 5 3.26 -19.17 -29.10
CA THR H 5 4.18 -19.56 -30.15
C THR H 5 4.96 -18.35 -30.66
N GLN H 6 6.27 -18.36 -30.48
CA GLN H 6 7.14 -17.27 -30.90
C GLN H 6 7.59 -17.53 -32.34
N SER H 7 7.19 -16.65 -33.26
CA SER H 7 7.25 -17.01 -34.67
C SER H 7 8.68 -17.19 -35.19
N PRO H 8 9.57 -16.19 -35.17
CA PRO H 8 10.98 -16.51 -35.47
C PRO H 8 11.59 -17.25 -34.31
N ALA H 9 12.28 -18.35 -34.61
CA ALA H 9 12.96 -19.07 -33.54
C ALA H 9 14.22 -18.31 -33.13
N THR H 10 14.83 -17.62 -34.06
CA THR H 10 15.90 -16.67 -33.78
C THR H 10 15.90 -15.62 -34.87
N LEU H 11 16.72 -14.60 -34.70
CA LEU H 11 16.68 -13.47 -35.63
C LEU H 11 18.02 -12.76 -35.59
N SER H 12 18.43 -12.21 -36.73
CA SER H 12 19.68 -11.46 -36.83
C SER H 12 19.44 -10.21 -37.67
N VAL H 13 19.79 -9.05 -37.10
CA VAL H 13 19.62 -7.77 -37.77
C VAL H 13 20.77 -6.86 -37.37
N SER H 14 21.05 -5.88 -38.23
CA SER H 14 22.11 -4.93 -37.95
C SER H 14 21.55 -3.73 -37.20
N PRO H 15 22.40 -3.00 -36.47
CA PRO H 15 21.91 -1.84 -35.71
C PRO H 15 21.33 -0.77 -36.60
N GLY H 16 20.26 -0.11 -36.15
CA GLY H 16 19.63 0.93 -36.92
C GLY H 16 18.47 0.41 -37.74
N ASP H 17 18.33 -0.91 -37.80
CA ASP H 17 17.26 -1.52 -38.56
C ASP H 17 16.09 -1.88 -37.65
N THR H 18 14.87 -1.80 -38.20
CA THR H 18 13.72 -2.28 -37.45
C THR H 18 13.70 -3.80 -37.42
N ALA H 19 13.16 -4.35 -36.33
CA ALA H 19 13.05 -5.79 -36.15
C ALA H 19 11.62 -6.13 -35.73
N THR H 20 10.97 -6.98 -36.52
CA THR H 20 9.57 -7.32 -36.31
C THR H 20 9.49 -8.68 -35.65
N LEU H 21 9.09 -8.69 -34.37
CA LEU H 21 8.92 -9.92 -33.63
C LEU H 21 7.43 -10.14 -33.43
N SER H 22 7.03 -11.40 -33.39
CA SER H 22 5.62 -11.72 -33.32
C SER H 22 5.45 -13.04 -32.58
N CYS H 23 4.32 -13.16 -31.89
CA CYS H 23 3.95 -14.46 -31.37
C CYS H 23 2.46 -14.67 -31.58
N ARG H 24 2.05 -15.93 -31.49
CA ARG H 24 0.67 -16.33 -31.68
C ARG H 24 0.14 -17.02 -30.44
N ALA H 25 -1.18 -17.08 -30.32
CA ALA H 25 -1.85 -17.67 -29.16
C ALA H 25 -2.79 -18.78 -29.61
N SER H 26 -2.85 -19.84 -28.81
CA SER H 26 -3.66 -20.99 -29.15
C SER H 26 -5.15 -20.65 -29.12
N HIS H 27 -5.54 -19.70 -28.28
CA HIS H 27 -6.91 -19.22 -28.19
C HIS H 27 -6.88 -17.70 -28.08
N SER H 28 -8.05 -17.10 -28.22
CA SER H 28 -8.16 -15.66 -28.08
C SER H 28 -7.64 -15.20 -26.73
N VAL H 29 -6.67 -14.31 -26.75
CA VAL H 29 -6.28 -13.51 -25.60
C VAL H 29 -6.48 -12.06 -26.05
N SER H 30 -7.45 -11.37 -25.47
CA SER H 30 -7.82 -10.11 -26.09
C SER H 30 -7.15 -8.97 -25.36
N ARG H 31 -6.11 -8.42 -25.98
CA ARG H 31 -5.34 -7.31 -25.44
C ARG H 31 -4.81 -7.64 -24.06
N ASP H 32 -4.71 -8.92 -23.71
CA ASP H 32 -4.04 -9.36 -22.49
C ASP H 32 -2.78 -10.09 -22.92
N LEU H 33 -1.65 -9.44 -22.78
CA LEU H 33 -0.38 -10.01 -23.18
C LEU H 33 0.73 -9.11 -22.67
N ALA H 34 1.96 -9.52 -22.86
CA ALA H 34 3.10 -8.77 -22.39
C ALA H 34 4.33 -9.18 -23.17
N TRP H 35 5.36 -8.36 -23.10
CA TRP H 35 6.62 -8.63 -23.75
C TRP H 35 7.75 -8.41 -22.76
N TYR H 36 8.71 -9.33 -22.75
CA TYR H 36 9.86 -9.27 -21.88
C TYR H 36 11.12 -9.43 -22.71
N GLN H 37 12.19 -8.75 -22.32
CA GLN H 37 13.51 -9.08 -22.83
C GLN H 37 14.34 -9.59 -21.67
N GLN H 38 15.02 -10.70 -21.87
CA GLN H 38 15.96 -11.23 -20.90
C GLN H 38 17.34 -11.18 -21.53
N LYS H 39 18.18 -10.29 -21.02
CA LYS H 39 19.56 -10.29 -21.42
C LYS H 39 20.27 -11.47 -20.78
N PRO H 40 21.42 -11.87 -21.31
CA PRO H 40 22.13 -13.01 -20.72
C PRO H 40 22.56 -12.70 -19.29
N GLY H 41 22.21 -13.60 -18.38
CA GLY H 41 22.56 -13.44 -16.99
C GLY H 41 21.86 -12.29 -16.30
N GLN H 42 20.61 -12.03 -16.67
CA GLN H 42 19.80 -11.05 -15.97
C GLN H 42 18.39 -11.60 -15.82
N ALA H 43 17.60 -10.93 -15.00
CA ALA H 43 16.20 -11.27 -14.89
C ALA H 43 15.42 -10.62 -16.02
N PRO H 44 14.26 -11.16 -16.38
CA PRO H 44 13.44 -10.51 -17.40
C PRO H 44 13.00 -9.14 -16.94
N ARG H 45 12.59 -8.31 -17.88
CA ARG H 45 12.05 -7.00 -17.55
C ARG H 45 10.83 -6.74 -18.44
N LEU H 46 9.81 -6.12 -17.85
CA LEU H 46 8.62 -5.79 -18.62
C LEU H 46 8.96 -4.77 -19.69
N LEU H 47 8.61 -5.08 -20.93
CA LEU H 47 8.65 -4.10 -22.00
C LEU H 47 7.26 -3.51 -22.24
N ILE H 48 6.34 -4.35 -22.70
CA ILE H 48 5.01 -3.94 -23.08
C ILE H 48 4.01 -4.80 -22.34
N TYR H 49 2.93 -4.19 -21.87
CA TYR H 49 1.84 -4.94 -21.26
C TYR H 49 0.55 -4.56 -21.95
N ASP H 50 -0.49 -5.34 -21.67
CA ASP H 50 -1.67 -5.42 -22.51
C ASP H 50 -1.21 -5.81 -23.91
N ALA H 51 -1.83 -5.25 -24.95
CA ALA H 51 -1.30 -5.51 -26.28
C ALA H 51 -0.19 -4.54 -26.59
N SER H 52 -0.51 -3.25 -26.61
CA SER H 52 0.51 -2.23 -26.67
C SER H 52 0.32 -1.17 -25.59
N THR H 53 1.17 -1.18 -24.58
CA THR H 53 1.46 -0.04 -23.72
C THR H 53 2.89 -0.22 -23.23
N ARG H 54 3.64 0.88 -23.18
CA ARG H 54 5.03 0.75 -22.79
C ARG H 54 5.17 0.92 -21.29
N ALA H 55 5.97 0.05 -20.68
CA ALA H 55 6.19 0.16 -19.25
C ALA H 55 6.94 1.44 -18.94
N THR H 56 6.86 1.87 -17.69
CA THR H 56 7.52 3.11 -17.29
C THR H 56 9.03 2.99 -17.48
N GLY H 57 9.61 4.00 -18.12
CA GLY H 57 11.05 4.03 -18.32
C GLY H 57 11.56 3.20 -19.47
N ILE H 58 10.68 2.72 -20.33
CA ILE H 58 11.05 1.93 -21.50
C ILE H 58 11.23 2.84 -22.71
N PRO H 59 12.27 2.63 -23.52
CA PRO H 59 12.46 3.50 -24.69
C PRO H 59 11.28 3.48 -25.63
N ALA H 60 11.08 4.60 -26.34
CA ALA H 60 9.91 4.72 -27.21
C ALA H 60 10.04 3.93 -28.50
N ARG H 61 11.20 3.29 -28.72
CA ARG H 61 11.39 2.57 -29.98
C ARG H 61 10.74 1.19 -29.94
N PHE H 62 10.31 0.76 -28.76
CA PHE H 62 9.59 -0.50 -28.63
C PHE H 62 8.09 -0.27 -28.79
N SER H 63 7.44 -1.09 -29.61
CA SER H 63 6.02 -0.90 -29.87
C SER H 63 5.31 -2.24 -30.01
N GLY H 64 4.15 -2.35 -29.37
CA GLY H 64 3.32 -3.53 -29.50
C GLY H 64 2.15 -3.37 -30.44
N SER H 65 1.57 -4.48 -30.90
CA SER H 65 0.37 -4.43 -31.72
C SER H 65 -0.32 -5.79 -31.67
N GLY H 66 -1.58 -5.79 -32.09
CA GLY H 66 -2.30 -7.02 -32.29
C GLY H 66 -3.35 -7.27 -31.20
N SER H 67 -4.35 -8.07 -31.57
CA SER H 67 -5.38 -8.50 -30.64
C SER H 67 -5.79 -9.91 -31.00
N GLY H 68 -6.45 -10.57 -30.06
CA GLY H 68 -6.88 -11.94 -30.32
C GLY H 68 -5.72 -12.90 -30.37
N THR H 69 -5.59 -13.59 -31.51
CA THR H 69 -4.62 -14.68 -31.58
C THR H 69 -3.21 -14.19 -31.84
N GLU H 70 -3.04 -13.22 -32.72
CA GLU H 70 -1.71 -12.87 -33.22
C GLU H 70 -1.33 -11.46 -32.82
N PHE H 71 -0.08 -11.31 -32.38
CA PHE H 71 0.46 -10.06 -31.86
C PHE H 71 1.80 -9.80 -32.51
N THR H 72 2.31 -8.58 -32.35
CA THR H 72 3.56 -8.19 -32.98
C THR H 72 4.33 -7.23 -32.10
N LEU H 73 5.63 -7.47 -31.96
CA LEU H 73 6.55 -6.56 -31.30
C LEU H 73 7.54 -6.03 -32.33
N THR H 74 7.71 -4.72 -32.37
CA THR H 74 8.58 -4.06 -33.35
C THR H 74 9.58 -3.21 -32.61
N ILE H 75 10.85 -3.29 -33.01
CA ILE H 75 11.90 -2.48 -32.41
C ILE H 75 12.39 -1.50 -33.46
N SER H 76 12.05 -0.23 -33.28
CA SER H 76 12.54 0.79 -34.19
C SER H 76 13.96 1.17 -33.84
N SER H 77 14.77 1.41 -34.87
CA SER H 77 16.11 1.94 -34.70
C SER H 77 16.93 1.09 -33.73
N LEU H 78 16.98 -0.22 -34.02
CA LEU H 78 17.63 -1.15 -33.11
C LEU H 78 19.06 -0.72 -32.83
N GLN H 79 19.49 -0.88 -31.59
CA GLN H 79 20.82 -0.52 -31.17
C GLN H 79 21.55 -1.76 -30.67
N SER H 80 22.81 -1.59 -30.31
CA SER H 80 23.58 -2.72 -29.78
C SER H 80 23.26 -2.95 -28.31
N GLU H 81 22.72 -1.93 -27.63
CA GLU H 81 22.25 -2.11 -26.26
C GLU H 81 21.26 -3.27 -26.19
N ASP H 82 20.63 -3.59 -27.31
CA ASP H 82 19.60 -4.63 -27.33
C ASP H 82 20.17 -5.91 -27.96
N PHE H 83 20.47 -6.86 -27.10
CA PHE H 83 20.67 -8.25 -27.46
C PHE H 83 19.96 -9.05 -26.38
N ALA H 84 18.88 -9.72 -26.72
CA ALA H 84 18.12 -10.38 -25.68
C ALA H 84 17.22 -11.43 -26.31
N VAL H 85 16.77 -12.36 -25.48
CA VAL H 85 15.65 -13.20 -25.82
C VAL H 85 14.37 -12.47 -25.45
N TYR H 86 13.38 -12.51 -26.33
CA TYR H 86 12.11 -11.82 -26.11
C TYR H 86 11.00 -12.84 -25.95
N TYR H 87 10.20 -12.69 -24.91
CA TYR H 87 9.13 -13.61 -24.58
C TYR H 87 7.81 -12.88 -24.68
N CYS H 88 6.73 -13.60 -24.88
CA CYS H 88 5.40 -13.02 -24.75
C CYS H 88 4.61 -13.83 -23.75
N GLN H 89 3.83 -13.15 -22.92
CA GLN H 89 3.04 -13.72 -21.85
C GLN H 89 1.57 -13.54 -22.15
N GLN H 90 0.72 -14.41 -21.62
CA GLN H 90 -0.71 -14.15 -21.56
C GLN H 90 -1.15 -14.10 -20.11
N TYR H 91 -2.04 -13.18 -19.79
CA TYR H 91 -2.58 -13.11 -18.45
C TYR H 91 -4.08 -13.40 -18.47
N ILE H 92 -4.43 -14.34 -19.33
CA ILE H 92 -5.76 -14.87 -19.50
C ILE H 92 -5.60 -16.30 -18.98
N ASN H 93 -6.58 -16.76 -18.20
CA ASN H 93 -6.54 -18.08 -17.54
C ASN H 93 -5.28 -18.11 -16.70
N TRP H 94 -4.50 -19.18 -16.84
CA TRP H 94 -3.27 -19.29 -16.07
C TRP H 94 -2.11 -18.89 -16.95
N VAL H 95 -1.28 -17.99 -16.44
CA VAL H 95 -0.14 -17.46 -17.18
C VAL H 95 0.78 -18.49 -17.81
N THR H 96 1.08 -18.28 -19.09
CA THR H 96 1.99 -19.10 -19.87
C THR H 96 2.87 -18.18 -20.70
N PHE H 97 4.09 -18.60 -20.96
CA PHE H 97 5.05 -17.81 -21.72
C PHE H 97 5.35 -18.47 -23.06
N GLY H 98 5.77 -17.66 -24.02
CA GLY H 98 6.26 -18.17 -25.28
C GLY H 98 7.67 -18.69 -25.13
N PRO H 99 8.15 -19.44 -26.13
CA PRO H 99 9.48 -20.04 -26.01
C PRO H 99 10.60 -19.02 -26.08
N GLY H 100 10.38 -17.89 -26.71
CA GLY H 100 11.38 -16.85 -26.80
C GLY H 100 11.97 -16.74 -28.19
N THR H 101 12.46 -15.54 -28.50
CA THR H 101 13.17 -15.27 -29.73
C THR H 101 14.44 -14.51 -29.41
N LYS H 102 15.58 -15.02 -29.83
CA LYS H 102 16.85 -14.37 -29.59
C LYS H 102 17.11 -13.44 -30.76
N VAL H 103 17.32 -12.15 -30.46
CA VAL H 103 17.71 -11.21 -31.50
C VAL H 103 19.23 -11.10 -31.51
N ASP H 104 19.83 -11.56 -32.61
CA ASP H 104 21.27 -11.60 -32.76
C ASP H 104 21.71 -10.40 -33.58
N ILE H 105 22.91 -9.90 -33.30
CA ILE H 105 23.40 -8.75 -34.04
C ILE H 105 24.38 -9.24 -35.10
N GLU H 106 24.39 -8.55 -36.24
CA GLU H 106 25.27 -8.92 -37.34
C GLU H 106 26.74 -8.77 -36.93
#